data_6CT6
#
_entry.id   6CT6
#
_cell.length_a   83.400
_cell.length_b   83.400
_cell.length_c   227.100
_cell.angle_alpha   90.000
_cell.angle_beta   90.000
_cell.angle_gamma   120.000
#
_symmetry.space_group_name_H-M   'P 31 2 1'
#
loop_
_entity.id
_entity.type
_entity.pdbx_description
1 polymer 'Lactate dehydrogenase'
2 non-polymer alpha-D-glucopyranose
3 non-polymer '1,4-DIHYDRONICOTINAMIDE ADENINE DINUCLEOTIDE'
4 non-polymer 'OXAMIC ACID'
5 water water
#
_entity_poly.entity_id   1
_entity_poly.type   'polypeptide(L)'
_entity_poly.pdbx_seq_one_letter_code
;MAVFEQNKRPKIALVGSGMIGGTMAFLCSLKELGDVVLFDVVPNMPMGKAMDLCHNSSVVDNGITVYGSNSYECLTNADV
VIITAGITKIPGKSDKEWSRMDLLPVNIKIMREVGGAIKKYCPNAFIINITNPLDVMVAAVQEAANVPKHMICGMAGMLD
SSRLRRMIADCLHVSPHDVQGMVIGVHGDNMLPLMRYITINGIPIQEFINKGLINKEDINNIYNKTKQAGGDIVRLLGQG
SAYYAPGTSAILMAESYLKDKKRLFVSSCYLNGQYNVNNHYLGVPCIIGGKGIEQIIELDLNQEEKKLLQGSIDEVLEMQ
KAIAALDAGKLEHHHHHH
;
_entity_poly.pdbx_strand_id   A,B
#
# COMPACT_ATOMS: atom_id res chain seq x y z
N ALA A 2 -14.24 21.54 -7.42
CA ALA A 2 -14.48 20.72 -6.25
C ALA A 2 -14.65 19.26 -6.65
N VAL A 3 -14.38 18.35 -5.71
CA VAL A 3 -14.59 16.92 -5.93
C VAL A 3 -15.42 16.26 -4.85
N PHE A 4 -15.50 16.82 -3.65
CA PHE A 4 -16.20 16.19 -2.54
C PHE A 4 -17.68 16.51 -2.56
N ASN A 7 -21.07 14.99 1.43
CA ASN A 7 -21.82 13.98 2.17
C ASN A 7 -21.32 13.87 3.61
N LYS A 8 -21.79 12.84 4.32
CA LYS A 8 -21.45 12.70 5.74
C LYS A 8 -19.98 12.39 5.96
N ARG A 9 -19.34 11.71 5.03
CA ARG A 9 -18.00 11.18 5.27
C ARG A 9 -16.99 12.32 5.42
N PRO A 10 -15.97 12.13 6.26
CA PRO A 10 -14.81 13.04 6.23
C PRO A 10 -14.20 13.08 4.84
N LYS A 11 -13.60 14.22 4.51
CA LYS A 11 -12.91 14.42 3.24
C LYS A 11 -11.45 14.69 3.51
N ILE A 12 -10.56 13.88 2.93
CA ILE A 12 -9.13 13.96 3.18
C ILE A 12 -8.44 14.30 1.87
N ALA A 13 -7.75 15.44 1.84
CA ALA A 13 -7.02 15.87 0.66
C ALA A 13 -5.55 15.52 0.82
N LEU A 14 -5.00 14.81 -0.17
CA LEU A 14 -3.60 14.41 -0.19
C LEU A 14 -2.89 15.23 -1.26
N VAL A 15 -2.12 16.23 -0.81
CA VAL A 15 -1.36 17.09 -1.70
C VAL A 15 -0.04 16.39 -1.99
N GLY A 16 0.03 15.71 -3.13
CA GLY A 16 1.16 14.86 -3.47
C GLY A 16 0.74 13.42 -3.63
N SER A 17 0.92 12.85 -4.83
CA SER A 17 0.36 11.56 -5.17
C SER A 17 1.45 10.53 -5.45
N GLY A 18 2.62 10.68 -4.84
CA GLY A 18 3.66 9.68 -4.92
C GLY A 18 3.34 8.46 -4.08
N MET A 19 4.35 7.66 -3.75
CA MET A 19 4.11 6.42 -3.04
C MET A 19 3.53 6.67 -1.65
N ILE A 20 4.01 7.68 -0.92
CA ILE A 20 3.44 7.98 0.39
C ILE A 20 1.99 8.41 0.24
N GLY A 21 1.70 9.28 -0.73
CA GLY A 21 0.33 9.70 -0.95
C GLY A 21 -0.59 8.55 -1.27
N GLY A 22 -0.17 7.67 -2.17
CA GLY A 22 -0.99 6.51 -2.50
C GLY A 22 -1.19 5.59 -1.30
N THR A 23 -0.13 5.39 -0.52
CA THR A 23 -0.22 4.57 0.69
C THR A 23 -1.30 5.10 1.63
N MET A 24 -1.36 6.42 1.82
CA MET A 24 -2.36 6.99 2.71
C MET A 24 -3.76 6.86 2.12
N ALA A 25 -3.90 7.07 0.81
CA ALA A 25 -5.19 6.85 0.16
C ALA A 25 -5.65 5.41 0.32
N PHE A 26 -4.73 4.46 0.12
CA PHE A 26 -5.02 3.05 0.35
C PHE A 26 -5.55 2.80 1.77
N LEU A 27 -4.92 3.43 2.77
CA LEU A 27 -5.36 3.26 4.15
C LEU A 27 -6.77 3.81 4.36
N CYS A 28 -7.09 4.95 3.73
CA CYS A 28 -8.43 5.51 3.86
C CYS A 28 -9.48 4.56 3.30
N SER A 29 -9.17 3.93 2.16
CA SER A 29 -10.07 2.93 1.59
C SER A 29 -10.25 1.74 2.53
N LEU A 30 -9.13 1.16 2.99
CA LEU A 30 -9.19 -0.02 3.83
C LEU A 30 -9.89 0.24 5.16
N LYS A 31 -9.61 1.40 5.77
CA LYS A 31 -10.16 1.74 7.07
C LYS A 31 -11.52 2.40 7.01
N GLU A 32 -12.03 2.69 5.82
CA GLU A 32 -13.28 3.43 5.66
C GLU A 32 -13.23 4.75 6.43
N LEU A 33 -12.08 5.42 6.36
CA LEU A 33 -11.86 6.63 7.14
C LEU A 33 -12.56 7.84 6.52
N GLY A 34 -12.60 7.91 5.20
CA GLY A 34 -13.21 9.04 4.51
C GLY A 34 -12.90 8.98 3.04
N ASP A 35 -13.61 9.83 2.28
CA ASP A 35 -13.30 10.00 0.87
C ASP A 35 -11.98 10.77 0.73
N VAL A 36 -11.32 10.56 -0.41
CA VAL A 36 -9.96 11.03 -0.61
C VAL A 36 -9.85 11.67 -1.99
N VAL A 37 -9.02 12.71 -2.07
CA VAL A 37 -8.56 13.23 -3.35
C VAL A 37 -7.04 13.18 -3.37
N LEU A 38 -6.49 12.58 -4.42
CA LEU A 38 -5.05 12.58 -4.67
C LEU A 38 -4.74 13.75 -5.61
N PHE A 39 -4.12 14.80 -5.07
CA PHE A 39 -3.72 15.94 -5.87
C PHE A 39 -2.25 15.81 -6.25
N ASP A 40 -1.91 16.26 -7.45
CA ASP A 40 -0.52 16.32 -7.87
C ASP A 40 -0.42 17.22 -9.09
N VAL A 41 0.79 17.72 -9.33
CA VAL A 41 1.03 18.54 -10.51
C VAL A 41 1.23 17.70 -11.77
N VAL A 42 1.52 16.42 -11.62
CA VAL A 42 1.65 15.55 -12.80
C VAL A 42 0.25 15.25 -13.35
N PRO A 43 0.03 15.39 -14.64
CA PRO A 43 -1.27 15.01 -15.20
C PRO A 43 -1.46 13.50 -15.21
N ASN A 44 -2.72 13.09 -15.09
CA ASN A 44 -3.16 11.72 -15.33
C ASN A 44 -2.83 10.76 -14.19
N MET A 45 -1.58 10.77 -13.72
CA MET A 45 -1.15 9.75 -12.76
C MET A 45 -2.06 9.67 -11.54
N PRO A 46 -2.43 10.76 -10.87
CA PRO A 46 -3.35 10.64 -9.73
C PRO A 46 -4.69 10.05 -10.10
N MET A 47 -5.19 10.29 -11.33
CA MET A 47 -6.45 9.68 -11.74
C MET A 47 -6.31 8.17 -11.92
N GLY A 48 -5.14 7.72 -12.37
CA GLY A 48 -4.91 6.28 -12.49
C GLY A 48 -4.91 5.59 -11.13
N LYS A 49 -4.18 6.15 -10.17
CA LYS A 49 -4.15 5.59 -8.83
C LYS A 49 -5.55 5.63 -8.20
N ALA A 50 -6.27 6.74 -8.37
CA ALA A 50 -7.61 6.85 -7.81
C ALA A 50 -8.54 5.79 -8.38
N MET A 51 -8.45 5.53 -9.68
CA MET A 51 -9.27 4.50 -10.30
C MET A 51 -8.99 3.14 -9.66
N ASP A 52 -7.71 2.78 -9.56
CA ASP A 52 -7.31 1.56 -8.88
C ASP A 52 -7.88 1.48 -7.47
N LEU A 53 -7.83 2.58 -6.73
CA LEU A 53 -8.28 2.57 -5.34
C LEU A 53 -9.80 2.53 -5.23
N CYS A 54 -10.51 3.14 -6.18
CA CYS A 54 -11.97 2.98 -6.20
C CYS A 54 -12.34 1.51 -6.39
N HIS A 55 -11.62 0.81 -7.27
CA HIS A 55 -11.81 -0.64 -7.40
C HIS A 55 -11.47 -1.34 -6.09
N ASN A 56 -10.44 -0.87 -5.38
CA ASN A 56 -10.05 -1.51 -4.13
C ASN A 56 -11.17 -1.43 -3.10
N SER A 57 -11.81 -0.26 -2.98
CA SER A 57 -12.93 -0.13 -2.07
C SER A 57 -13.97 -1.22 -2.31
N SER A 58 -14.31 -1.44 -3.59
CA SER A 58 -15.30 -2.45 -3.93
C SER A 58 -14.78 -3.86 -3.60
N VAL A 59 -13.47 -4.10 -3.78
CA VAL A 59 -12.88 -5.36 -3.34
C VAL A 59 -13.18 -5.62 -1.88
N VAL A 60 -13.13 -4.58 -1.04
CA VAL A 60 -13.38 -4.73 0.39
C VAL A 60 -14.81 -4.30 0.75
N ASP A 61 -15.70 -4.22 -0.22
CA ASP A 61 -17.15 -4.11 0.02
C ASP A 61 -17.57 -2.78 0.63
N ASN A 62 -16.87 -1.68 0.35
CA ASN A 62 -17.31 -0.37 0.83
C ASN A 62 -17.26 0.63 -0.32
N GLY A 63 -17.83 1.81 -0.07
CA GLY A 63 -18.00 2.80 -1.10
C GLY A 63 -17.10 4.02 -1.00
N ILE A 64 -15.99 3.89 -0.27
CA ILE A 64 -15.03 4.99 -0.20
C ILE A 64 -14.61 5.37 -1.61
N THR A 65 -14.62 6.67 -1.89
CA THR A 65 -14.26 7.18 -3.20
C THR A 65 -12.92 7.92 -3.12
N VAL A 66 -12.02 7.58 -4.03
CA VAL A 66 -10.78 8.32 -4.22
C VAL A 66 -10.87 9.04 -5.56
N TYR A 67 -10.63 10.35 -5.54
CA TYR A 67 -10.57 11.16 -6.75
C TYR A 67 -9.12 11.53 -7.06
N GLY A 68 -8.85 11.76 -8.33
CA GLY A 68 -7.57 12.31 -8.76
C GLY A 68 -7.77 13.67 -9.40
N SER A 69 -6.87 14.61 -9.11
CA SER A 69 -7.04 15.98 -9.58
C SER A 69 -5.69 16.63 -9.81
N ASN A 70 -5.68 17.60 -10.74
CA ASN A 70 -4.56 18.51 -10.94
C ASN A 70 -4.90 19.95 -10.60
N SER A 71 -6.04 20.18 -9.93
CA SER A 71 -6.52 21.53 -9.63
C SER A 71 -6.67 21.69 -8.12
N TYR A 72 -6.11 22.78 -7.59
CA TYR A 72 -6.22 23.03 -6.16
C TYR A 72 -7.66 23.22 -5.70
N GLU A 73 -8.59 23.43 -6.63
CA GLU A 73 -9.99 23.54 -6.25
C GLU A 73 -10.51 22.24 -5.63
N CYS A 74 -9.78 21.13 -5.80
CA CYS A 74 -10.20 19.87 -5.20
C CYS A 74 -10.07 19.89 -3.69
N LEU A 75 -9.36 20.86 -3.11
CA LEU A 75 -9.27 20.99 -1.67
C LEU A 75 -10.58 21.46 -1.04
N THR A 76 -11.54 21.90 -1.84
CA THR A 76 -12.78 22.47 -1.30
C THR A 76 -13.43 21.50 -0.32
N ASN A 77 -13.68 21.99 0.89
CA ASN A 77 -14.40 21.27 1.95
C ASN A 77 -13.58 20.12 2.55
N ALA A 78 -12.27 20.09 2.32
CA ALA A 78 -11.43 19.08 2.96
C ALA A 78 -11.41 19.28 4.46
N ASP A 79 -11.56 18.18 5.20
CA ASP A 79 -11.44 18.22 6.66
C ASP A 79 -10.00 18.08 7.11
N VAL A 80 -9.18 17.34 6.35
CA VAL A 80 -7.76 17.19 6.64
C VAL A 80 -7.00 17.32 5.33
N VAL A 81 -5.83 17.95 5.39
CA VAL A 81 -4.90 18.02 4.26
C VAL A 81 -3.56 17.44 4.72
N ILE A 82 -3.05 16.47 3.97
CA ILE A 82 -1.75 15.87 4.24
C ILE A 82 -0.84 16.17 3.06
N ILE A 83 0.27 16.86 3.31
CA ILE A 83 1.14 17.39 2.27
C ILE A 83 2.41 16.53 2.18
N THR A 84 2.67 16.01 0.98
CA THR A 84 3.94 15.33 0.69
C THR A 84 4.66 15.92 -0.52
N ALA A 85 4.23 17.07 -1.01
CA ALA A 85 4.80 17.63 -2.24
C ALA A 85 6.21 18.17 -1.98
N GLY A 86 6.95 18.34 -3.08
CA GLY A 86 8.28 18.94 -3.02
C GLY A 86 9.25 18.22 -3.94
N ILE A 87 10.37 18.90 -4.21
CA ILE A 87 11.47 18.35 -4.99
C ILE A 87 12.59 17.96 -4.04
N THR A 88 13.15 16.77 -4.24
CA THR A 88 14.20 16.26 -3.37
C THR A 88 15.27 15.59 -4.21
N LYS A 89 16.42 15.34 -3.60
CA LYS A 89 17.57 14.77 -4.29
C LYS A 89 17.34 13.31 -4.63
N TRP A 98 26.35 15.45 -0.39
CA TRP A 98 26.51 16.88 -0.16
C TRP A 98 25.16 17.53 0.15
N SER A 99 25.17 18.86 0.29
CA SER A 99 24.02 19.60 0.73
C SER A 99 23.21 20.11 -0.46
N ARG A 100 21.90 19.88 -0.44
CA ARG A 100 21.02 20.38 -1.48
C ARG A 100 20.05 21.41 -0.93
N MET A 101 20.56 22.39 -0.18
CA MET A 101 19.73 23.50 0.28
C MET A 101 19.26 24.36 -0.88
N ASP A 102 19.89 24.26 -2.05
CA ASP A 102 19.44 25.03 -3.21
C ASP A 102 18.01 24.70 -3.60
N LEU A 103 17.51 23.51 -3.24
CA LEU A 103 16.14 23.13 -3.55
C LEU A 103 15.11 23.71 -2.59
N LEU A 104 15.52 24.34 -1.51
CA LEU A 104 14.55 24.76 -0.49
C LEU A 104 13.72 25.96 -0.95
N PRO A 105 14.30 26.94 -1.64
CA PRO A 105 13.46 28.06 -2.12
C PRO A 105 12.30 27.64 -3.00
N VAL A 106 12.49 26.68 -3.91
CA VAL A 106 11.40 26.25 -4.77
C VAL A 106 10.35 25.49 -3.97
N ASN A 107 10.79 24.70 -2.99
CA ASN A 107 9.83 23.98 -2.16
C ASN A 107 9.04 24.93 -1.29
N ILE A 108 9.67 26.00 -0.80
CA ILE A 108 8.94 27.02 -0.05
C ILE A 108 7.90 27.67 -0.95
N LYS A 109 8.25 27.90 -2.22
CA LYS A 109 7.27 28.43 -3.17
C LYS A 109 6.08 27.49 -3.31
N ILE A 110 6.35 26.19 -3.44
CA ILE A 110 5.28 25.21 -3.54
C ILE A 110 4.40 25.26 -2.28
N MET A 111 5.03 25.23 -1.11
CA MET A 111 4.28 25.26 0.14
C MET A 111 3.37 26.48 0.21
N ARG A 112 3.83 27.62 -0.29
CA ARG A 112 3.02 28.83 -0.23
C ARG A 112 1.87 28.78 -1.21
N GLU A 113 2.04 28.08 -2.34
CA GLU A 113 0.90 27.83 -3.21
C GLU A 113 -0.16 26.98 -2.51
N VAL A 114 0.27 25.93 -1.82
CA VAL A 114 -0.67 25.06 -1.11
C VAL A 114 -1.38 25.85 -0.02
N GLY A 115 -0.61 26.58 0.78
CA GLY A 115 -1.22 27.38 1.84
C GLY A 115 -2.24 28.36 1.31
N GLY A 116 -1.94 29.00 0.18
CA GLY A 116 -2.91 29.88 -0.44
C GLY A 116 -4.18 29.16 -0.84
N ALA A 117 -4.05 27.96 -1.39
CA ALA A 117 -5.23 27.16 -1.73
C ALA A 117 -6.02 26.78 -0.48
N ILE A 118 -5.32 26.44 0.60
CA ILE A 118 -5.99 26.13 1.86
C ILE A 118 -6.82 27.32 2.34
N LYS A 119 -6.19 28.50 2.36
CA LYS A 119 -6.90 29.71 2.78
C LYS A 119 -8.18 29.89 1.98
N LYS A 120 -8.13 29.54 0.70
CA LYS A 120 -9.24 29.80 -0.22
C LYS A 120 -10.30 28.70 -0.17
N TYR A 121 -9.88 27.43 -0.10
CA TYR A 121 -10.80 26.32 -0.29
C TYR A 121 -11.12 25.53 0.99
N CYS A 122 -10.21 25.46 1.96
CA CYS A 122 -10.49 24.71 3.18
C CYS A 122 -9.76 25.32 4.37
N PRO A 123 -10.10 26.56 4.74
CA PRO A 123 -9.37 27.22 5.84
C PRO A 123 -9.57 26.57 7.20
N ASN A 124 -10.58 25.74 7.38
CA ASN A 124 -10.83 25.09 8.66
C ASN A 124 -10.24 23.69 8.74
N ALA A 125 -9.41 23.30 7.77
CA ALA A 125 -8.85 21.96 7.75
C ALA A 125 -7.76 21.81 8.82
N PHE A 126 -7.57 20.56 9.25
CA PHE A 126 -6.38 20.16 10.01
C PHE A 126 -5.31 19.74 9.02
N ILE A 127 -4.11 20.29 9.16
CA ILE A 127 -3.07 20.16 8.16
C ILE A 127 -1.86 19.45 8.75
N ILE A 128 -1.40 18.41 8.04
CA ILE A 128 -0.23 17.63 8.42
C ILE A 128 0.76 17.70 7.26
N ASN A 129 1.98 18.16 7.54
CA ASN A 129 3.03 18.24 6.53
C ASN A 129 4.10 17.19 6.79
N ILE A 130 4.56 16.55 5.71
CA ILE A 130 5.59 15.53 5.81
C ILE A 130 6.91 15.98 5.20
N THR A 131 6.93 17.03 4.39
CA THR A 131 8.13 17.43 3.66
C THR A 131 9.10 18.16 4.57
N ASN A 132 10.34 17.67 4.62
CA ASN A 132 11.40 18.31 5.41
C ASN A 132 12.08 19.43 4.64
N PRO A 133 12.70 20.40 5.34
CA PRO A 133 12.73 20.60 6.80
C PRO A 133 11.40 21.10 7.34
N LEU A 134 10.89 20.46 8.38
CA LEU A 134 9.49 20.69 8.76
C LEU A 134 9.27 22.09 9.30
N ASP A 135 10.22 22.64 10.07
CA ASP A 135 10.04 24.00 10.57
C ASP A 135 9.89 24.99 9.41
N VAL A 136 10.71 24.83 8.38
CA VAL A 136 10.65 25.72 7.22
C VAL A 136 9.34 25.51 6.46
N MET A 137 9.04 24.27 6.12
CA MET A 137 7.92 24.00 5.22
C MET A 137 6.58 24.15 5.92
N VAL A 138 6.47 23.71 7.18
CA VAL A 138 5.23 23.91 7.91
C VAL A 138 4.91 25.39 8.03
N ALA A 139 5.92 26.19 8.39
CA ALA A 139 5.70 27.63 8.55
C ALA A 139 5.25 28.27 7.25
N ALA A 140 5.87 27.90 6.13
CA ALA A 140 5.48 28.47 4.84
C ALA A 140 4.00 28.22 4.55
N VAL A 141 3.53 26.99 4.77
CA VAL A 141 2.11 26.70 4.59
C VAL A 141 1.27 27.53 5.55
N GLN A 142 1.62 27.50 6.84
CA GLN A 142 0.84 28.19 7.85
C GLN A 142 0.70 29.68 7.52
N GLU A 143 1.82 30.32 7.16
CA GLU A 143 1.80 31.76 6.95
C GLU A 143 0.95 32.13 5.73
N ALA A 144 1.04 31.35 4.65
CA ALA A 144 0.24 31.63 3.46
C ALA A 144 -1.21 31.22 3.65
N ALA A 145 -1.47 30.21 4.47
CA ALA A 145 -2.83 29.75 4.71
C ALA A 145 -3.51 30.54 5.82
N ASN A 146 -2.74 31.08 6.76
CA ASN A 146 -3.28 31.90 7.83
C ASN A 146 -4.22 31.08 8.72
N VAL A 147 -3.85 29.81 8.93
CA VAL A 147 -4.63 28.93 9.79
C VAL A 147 -4.12 29.03 11.21
N PRO A 148 -4.92 28.69 12.22
CA PRO A 148 -4.42 28.71 13.60
C PRO A 148 -3.25 27.76 13.77
N LYS A 149 -2.33 28.13 14.68
CA LYS A 149 -1.13 27.33 14.88
C LYS A 149 -1.46 25.95 15.42
N HIS A 150 -2.56 25.80 16.15
CA HIS A 150 -2.95 24.51 16.69
C HIS A 150 -3.67 23.63 15.68
N MET A 151 -3.79 24.09 14.43
CA MET A 151 -4.44 23.31 13.37
C MET A 151 -3.46 22.87 12.29
N ILE A 152 -2.15 22.92 12.57
CA ILE A 152 -1.17 22.46 11.61
C ILE A 152 0.05 21.92 12.37
N CYS A 153 0.65 20.88 11.81
CA CYS A 153 1.80 20.21 12.42
C CYS A 153 2.55 19.44 11.35
N GLY A 154 3.70 18.89 11.73
CA GLY A 154 4.49 18.04 10.86
C GLY A 154 4.56 16.62 11.40
N MET A 155 4.67 15.66 10.48
CA MET A 155 4.82 14.25 10.83
C MET A 155 6.29 13.85 10.70
N ALA A 156 6.89 13.41 11.80
CA ALA A 156 8.17 12.73 11.77
C ALA A 156 8.36 11.93 13.05
N GLY A 157 8.01 12.53 14.19
CA GLY A 157 8.24 11.87 15.47
C GLY A 157 7.55 10.51 15.58
N MET A 158 6.34 10.39 15.03
CA MET A 158 5.64 9.12 15.10
C MET A 158 6.39 8.04 14.35
N LEU A 159 6.97 8.38 13.20
CA LEU A 159 7.77 7.43 12.43
C LEU A 159 9.03 7.03 13.20
N ASP A 160 9.81 8.01 13.65
CA ASP A 160 11.05 7.71 14.37
C ASP A 160 10.77 6.92 15.64
N SER A 161 9.73 7.30 16.38
CA SER A 161 9.39 6.60 17.61
C SER A 161 8.99 5.17 17.34
N SER A 162 8.23 4.93 16.27
CA SER A 162 7.81 3.56 15.95
C SER A 162 9.02 2.68 15.64
N ARG A 163 10.07 3.26 15.08
CA ARG A 163 11.30 2.51 14.81
C ARG A 163 12.01 2.14 16.10
N LEU A 164 12.16 3.12 17.00
CA LEU A 164 12.73 2.84 18.32
C LEU A 164 11.96 1.73 19.02
N ARG A 165 10.63 1.86 19.05
CA ARG A 165 9.80 0.89 19.73
C ARG A 165 9.95 -0.51 19.14
N ARG A 166 10.04 -0.60 17.81
CA ARG A 166 10.15 -1.92 17.17
C ARG A 166 11.44 -2.62 17.60
N MET A 167 12.55 -1.89 17.69
CA MET A 167 13.82 -2.52 18.01
C MET A 167 13.86 -2.99 19.45
N ILE A 168 13.33 -2.18 20.38
CA ILE A 168 13.24 -2.62 21.77
C ILE A 168 12.35 -3.86 21.86
N ALA A 169 11.23 -3.86 21.12
CA ALA A 169 10.32 -5.00 21.16
C ALA A 169 10.97 -6.26 20.66
N ASP A 170 11.71 -6.19 19.54
CA ASP A 170 12.40 -7.36 19.02
C ASP A 170 13.45 -7.87 19.99
N CYS A 171 14.11 -6.97 20.72
CA CYS A 171 15.14 -7.38 21.66
C CYS A 171 14.54 -8.11 22.87
N LEU A 172 13.45 -7.58 23.41
CA LEU A 172 12.86 -8.13 24.63
C LEU A 172 11.82 -9.22 24.39
N HIS A 173 11.45 -9.47 23.13
CA HIS A 173 10.39 -10.42 22.82
C HIS A 173 9.09 -10.06 23.56
N VAL A 174 8.68 -8.80 23.42
CA VAL A 174 7.38 -8.33 23.84
C VAL A 174 6.75 -7.58 22.67
N SER A 175 5.43 -7.47 22.71
CA SER A 175 4.72 -6.83 21.61
C SER A 175 5.07 -5.33 21.55
N PRO A 176 5.20 -4.77 20.34
CA PRO A 176 5.36 -3.32 20.22
C PRO A 176 4.22 -2.53 20.84
N HIS A 177 3.06 -3.16 20.99
CA HIS A 177 1.94 -2.52 21.67
C HIS A 177 2.34 -2.03 23.06
N ASP A 178 3.26 -2.76 23.70
CA ASP A 178 3.60 -2.51 25.10
C ASP A 178 4.96 -1.83 25.28
N VAL A 179 5.56 -1.34 24.19
CA VAL A 179 6.79 -0.55 24.27
C VAL A 179 6.43 0.91 24.02
N GLN A 180 6.67 1.76 25.01
CA GLN A 180 6.54 3.20 24.86
C GLN A 180 7.92 3.79 24.58
N GLY A 181 8.02 4.63 23.57
CA GLY A 181 9.27 5.26 23.22
C GLY A 181 9.05 6.50 22.40
N MET A 182 9.96 7.47 22.53
CA MET A 182 9.83 8.77 21.87
C MET A 182 11.17 9.20 21.28
N VAL A 183 11.10 9.80 20.09
CA VAL A 183 12.24 10.44 19.43
C VAL A 183 11.82 11.86 19.11
N ILE A 184 12.46 12.84 19.74
CA ILE A 184 12.04 14.23 19.66
C ILE A 184 13.10 15.04 18.90
N GLY A 185 12.77 16.30 18.64
CA GLY A 185 13.70 17.20 17.99
C GLY A 185 13.43 17.36 16.50
N VAL A 186 14.50 17.49 15.73
CA VAL A 186 14.43 17.64 14.28
C VAL A 186 14.68 16.28 13.64
N HIS A 187 13.84 15.91 12.68
CA HIS A 187 14.03 14.66 11.95
C HIS A 187 15.30 14.77 11.11
N GLY A 188 16.34 14.05 11.52
CA GLY A 188 17.64 14.18 10.91
C GLY A 188 18.70 13.60 11.83
N ASP A 189 19.95 13.96 11.55
CA ASP A 189 21.07 13.39 12.30
C ASP A 189 21.08 13.82 13.76
N ASN A 190 20.32 14.85 14.12
CA ASN A 190 20.27 15.33 15.50
C ASN A 190 18.98 14.91 16.21
N MET A 191 18.17 14.03 15.61
CA MET A 191 17.00 13.51 16.31
C MET A 191 17.45 12.85 17.62
N LEU A 192 16.61 12.97 18.64
CA LEU A 192 16.95 12.53 19.99
C LEU A 192 16.03 11.40 20.45
N PRO A 193 16.44 10.14 20.32
CA PRO A 193 15.73 9.05 21.01
C PRO A 193 15.95 9.16 22.51
N LEU A 194 14.85 9.22 23.26
CA LEU A 194 14.90 9.41 24.71
C LEU A 194 14.95 8.04 25.37
N MET A 195 16.16 7.49 25.44
CA MET A 195 16.32 6.14 25.97
C MET A 195 15.92 6.04 27.43
N ARG A 196 15.97 7.14 28.17
CA ARG A 196 15.59 7.12 29.58
C ARG A 196 14.09 6.97 29.76
N TYR A 197 13.31 7.40 28.76
CA TYR A 197 11.85 7.38 28.84
C TYR A 197 11.23 6.13 28.23
N ILE A 198 12.05 5.19 27.74
CA ILE A 198 11.51 3.93 27.24
C ILE A 198 10.89 3.16 28.40
N THR A 199 9.66 2.70 28.23
CA THR A 199 9.01 1.86 29.22
C THR A 199 8.37 0.65 28.56
N ILE A 200 8.20 -0.40 29.37
CA ILE A 200 7.48 -1.60 28.98
C ILE A 200 6.21 -1.62 29.83
N ASN A 201 5.09 -1.19 29.24
CA ASN A 201 3.84 -0.99 29.98
C ASN A 201 4.07 -0.13 31.22
N GLY A 202 4.84 0.94 31.04
CA GLY A 202 5.11 1.87 32.12
C GLY A 202 6.32 1.51 32.98
N ILE A 203 6.85 0.30 32.83
CA ILE A 203 8.02 -0.15 33.59
C ILE A 203 9.27 0.44 32.96
N PRO A 204 10.08 1.22 33.68
CA PRO A 204 11.27 1.82 33.06
C PRO A 204 12.19 0.76 32.47
N ILE A 205 12.78 1.08 31.30
CA ILE A 205 13.70 0.16 30.67
C ILE A 205 14.88 -0.14 31.58
N GLN A 206 15.21 0.78 32.50
CA GLN A 206 16.33 0.54 33.42
C GLN A 206 16.09 -0.70 34.26
N GLU A 207 14.84 -0.97 34.64
CA GLU A 207 14.56 -2.20 35.38
C GLU A 207 14.95 -3.43 34.57
N PHE A 208 14.74 -3.39 33.25
CA PHE A 208 15.13 -4.51 32.41
C PHE A 208 16.63 -4.57 32.21
N ILE A 209 17.31 -3.42 32.21
CA ILE A 209 18.77 -3.42 32.17
C ILE A 209 19.32 -4.08 33.43
N ASN A 210 18.89 -3.60 34.60
CA ASN A 210 19.36 -4.15 35.87
C ASN A 210 19.10 -5.65 35.95
N LYS A 211 18.01 -6.13 35.38
CA LYS A 211 17.66 -7.55 35.44
C LYS A 211 18.41 -8.39 34.40
N GLY A 212 19.23 -7.77 33.57
CA GLY A 212 19.99 -8.52 32.58
C GLY A 212 19.21 -8.96 31.36
N LEU A 213 18.02 -8.40 31.14
CA LEU A 213 17.22 -8.76 29.97
C LEU A 213 17.64 -8.00 28.73
N ILE A 214 18.24 -6.83 28.90
CA ILE A 214 18.86 -6.06 27.82
C ILE A 214 20.04 -5.33 28.43
N ASN A 215 21.14 -5.22 27.68
CA ASN A 215 22.34 -4.59 28.21
C ASN A 215 22.57 -3.23 27.54
N LYS A 216 23.48 -2.45 28.14
CA LYS A 216 23.71 -1.09 27.68
C LYS A 216 24.31 -1.07 26.28
N GLU A 217 25.01 -2.13 25.89
CA GLU A 217 25.47 -2.22 24.50
C GLU A 217 24.29 -2.34 23.54
N ASP A 218 23.29 -3.15 23.90
CA ASP A 218 22.07 -3.20 23.11
C ASP A 218 21.40 -1.83 23.03
N ILE A 219 21.35 -1.11 24.16
CA ILE A 219 20.68 0.18 24.20
C ILE A 219 21.39 1.17 23.27
N ASN A 220 22.71 1.28 23.40
CA ASN A 220 23.46 2.22 22.58
C ASN A 220 23.32 1.91 21.10
N ASN A 221 23.35 0.62 20.76
CA ASN A 221 23.16 0.22 19.36
C ASN A 221 21.80 0.65 18.85
N ILE A 222 20.75 0.49 19.66
CA ILE A 222 19.41 0.85 19.22
C ILE A 222 19.29 2.36 19.08
N TYR A 223 19.92 3.12 19.97
CA TYR A 223 19.97 4.57 19.84
C TYR A 223 20.54 4.98 18.49
N ASN A 224 21.62 4.32 18.06
CA ASN A 224 22.22 4.66 16.77
C ASN A 224 21.38 4.15 15.61
N LYS A 225 20.87 2.92 15.72
CA LYS A 225 20.06 2.37 14.63
C LYS A 225 18.80 3.19 14.39
N THR A 226 18.20 3.75 15.45
CA THR A 226 17.04 4.61 15.27
C THR A 226 17.38 5.81 14.41
N LYS A 227 18.54 6.43 14.67
CA LYS A 227 18.95 7.58 13.88
C LYS A 227 19.31 7.19 12.45
N GLN A 228 19.81 5.98 12.25
CA GLN A 228 20.27 5.51 10.95
C GLN A 228 19.20 4.79 10.14
N ALA A 229 18.00 4.62 10.69
CA ALA A 229 17.01 3.74 10.07
C ALA A 229 16.62 4.21 8.67
N GLY A 230 16.30 5.51 8.54
CA GLY A 230 15.83 6.00 7.25
C GLY A 230 16.87 5.83 6.15
N GLY A 231 18.14 6.06 6.46
CA GLY A 231 19.19 5.86 5.49
C GLY A 231 19.47 4.39 5.22
N ASP A 232 19.32 3.54 6.23
CA ASP A 232 19.45 2.10 6.01
C ASP A 232 18.44 1.61 4.98
N ILE A 233 17.20 2.11 5.07
CA ILE A 233 16.16 1.72 4.13
C ILE A 233 16.50 2.22 2.72
N VAL A 234 16.86 3.51 2.60
CA VAL A 234 17.28 4.04 1.31
C VAL A 234 18.35 3.16 0.70
N ARG A 235 19.35 2.78 1.49
CA ARG A 235 20.47 2.01 0.98
C ARG A 235 20.02 0.63 0.50
N LEU A 236 19.08 0.01 1.21
CA LEU A 236 18.60 -1.31 0.83
C LEU A 236 17.70 -1.25 -0.40
N LEU A 237 16.85 -0.22 -0.47
CA LEU A 237 15.87 -0.15 -1.56
C LEU A 237 16.54 0.03 -2.91
N GLY A 238 17.62 0.80 -2.96
CA GLY A 238 18.16 1.25 -4.24
C GLY A 238 17.43 2.44 -4.80
N GLN A 239 16.10 2.39 -4.84
CA GLN A 239 15.27 3.45 -5.38
C GLN A 239 14.36 3.99 -4.30
N GLY A 240 14.35 5.31 -4.13
CA GLY A 240 13.40 5.95 -3.22
C GLY A 240 13.73 5.71 -1.75
N SER A 241 12.72 5.96 -0.91
CA SER A 241 12.86 5.83 0.53
C SER A 241 11.57 5.22 1.09
N ALA A 242 11.56 5.03 2.41
CA ALA A 242 10.42 4.40 3.09
C ALA A 242 9.15 5.18 2.81
N TYR A 243 8.02 4.45 2.77
CA TYR A 243 6.73 5.12 2.64
C TYR A 243 5.58 4.41 3.35
N TYR A 244 5.76 3.14 3.74
CA TYR A 244 4.68 2.45 4.44
C TYR A 244 4.50 3.00 5.86
N ALA A 245 5.51 2.85 6.72
CA ALA A 245 5.38 3.41 8.06
C ALA A 245 5.20 4.92 8.06
N PRO A 246 5.86 5.71 7.21
CA PRO A 246 5.54 7.14 7.18
C PRO A 246 4.09 7.43 6.84
N GLY A 247 3.54 6.75 5.83
CA GLY A 247 2.15 6.99 5.46
C GLY A 247 1.18 6.64 6.56
N THR A 248 1.38 5.49 7.20
CA THR A 248 0.48 5.07 8.28
C THR A 248 0.60 6.00 9.47
N SER A 249 1.81 6.46 9.78
CA SER A 249 2.00 7.40 10.88
C SER A 249 1.15 8.65 10.69
N ALA A 250 1.19 9.24 9.48
CA ALA A 250 0.41 10.43 9.20
C ALA A 250 -1.09 10.16 9.30
N ILE A 251 -1.54 9.02 8.77
CA ILE A 251 -2.98 8.74 8.78
C ILE A 251 -3.49 8.54 10.20
N LEU A 252 -2.68 7.95 11.08
CA LEU A 252 -3.12 7.79 12.47
C LEU A 252 -3.25 9.14 13.15
N MET A 253 -2.40 10.10 12.82
CA MET A 253 -2.57 11.46 13.34
C MET A 253 -3.86 12.07 12.83
N ALA A 254 -4.15 11.88 11.54
CA ALA A 254 -5.39 12.42 10.96
C ALA A 254 -6.61 11.76 11.58
N GLU A 255 -6.54 10.44 11.82
CA GLU A 255 -7.64 9.73 12.45
C GLU A 255 -7.90 10.24 13.86
N SER A 256 -6.83 10.56 14.59
CA SER A 256 -6.99 11.06 15.95
C SER A 256 -7.74 12.40 15.95
N TYR A 257 -7.47 13.24 14.95
CA TYR A 257 -8.23 14.48 14.81
C TYR A 257 -9.67 14.19 14.40
N LEU A 258 -9.87 13.33 13.40
CA LEU A 258 -11.19 13.12 12.84
C LEU A 258 -12.15 12.45 13.83
N LYS A 259 -11.64 11.58 14.71
CA LYS A 259 -12.47 10.86 15.66
C LYS A 259 -12.31 11.36 17.08
N ASP A 260 -11.62 12.48 17.29
CA ASP A 260 -11.38 13.06 18.61
C ASP A 260 -10.86 12.00 19.57
N LYS A 261 -9.81 11.31 19.16
CA LYS A 261 -9.27 10.21 19.97
C LYS A 261 -8.35 10.71 21.08
N LYS A 262 -7.72 11.86 20.90
CA LYS A 262 -6.82 12.43 21.90
C LYS A 262 -5.62 11.52 22.16
N ARG A 263 -5.17 10.82 21.12
CA ARG A 263 -3.94 10.04 21.23
C ARG A 263 -2.72 10.96 21.22
N LEU A 264 -1.65 10.47 21.82
CA LEU A 264 -0.41 11.23 21.95
C LEU A 264 0.56 10.84 20.84
N PHE A 265 1.05 11.85 20.12
CA PHE A 265 2.03 11.66 19.05
C PHE A 265 3.16 12.66 19.24
N VAL A 266 4.40 12.21 19.01
CA VAL A 266 5.49 13.16 18.83
C VAL A 266 5.32 13.79 17.46
N SER A 267 4.93 15.07 17.43
CA SER A 267 4.68 15.80 16.20
C SER A 267 5.40 17.13 16.26
N SER A 268 5.61 17.74 15.10
CA SER A 268 6.27 19.03 14.99
C SER A 268 5.22 20.11 15.20
N CYS A 269 5.23 20.72 16.39
CA CYS A 269 4.22 21.68 16.81
C CYS A 269 4.83 23.07 17.00
N TYR A 270 4.01 24.09 16.78
CA TYR A 270 4.43 25.46 17.00
C TYR A 270 4.63 25.70 18.49
N LEU A 271 5.84 26.11 18.88
CA LEU A 271 6.16 26.32 20.28
C LEU A 271 6.28 27.81 20.60
N ASN A 272 5.76 28.18 21.78
CA ASN A 272 5.83 29.55 22.28
C ASN A 272 6.53 29.59 23.64
N GLY A 273 7.69 28.95 23.75
CA GLY A 273 8.47 28.93 24.98
C GLY A 273 8.74 27.55 25.53
N GLN A 274 8.00 26.53 25.12
CA GLN A 274 8.30 25.18 25.56
C GLN A 274 9.64 24.73 25.01
N TYR A 275 10.40 24.00 25.83
CA TYR A 275 11.73 23.51 25.47
C TYR A 275 12.69 24.64 25.09
N ASN A 276 12.38 25.88 25.51
CA ASN A 276 13.23 27.03 25.23
C ASN A 276 13.23 27.36 23.74
N VAL A 277 12.08 27.16 23.09
CA VAL A 277 11.89 27.45 21.68
C VAL A 277 10.73 28.43 21.56
N ASN A 278 10.93 29.49 20.77
CA ASN A 278 9.88 30.46 20.51
C ASN A 278 9.74 30.65 19.01
N ASN A 279 8.50 30.52 18.52
CA ASN A 279 8.14 30.84 17.14
C ASN A 279 8.77 29.86 16.14
N HIS A 280 8.98 28.61 16.54
CA HIS A 280 9.46 27.57 15.64
C HIS A 280 8.75 26.27 15.93
N TYR A 281 8.75 25.39 14.94
CA TYR A 281 8.18 24.05 15.06
C TYR A 281 9.26 23.06 15.44
N LEU A 282 8.94 22.16 16.37
CA LEU A 282 9.87 21.15 16.83
C LEU A 282 9.10 19.89 17.17
N GLY A 283 9.72 18.74 16.94
CA GLY A 283 9.11 17.47 17.28
C GLY A 283 9.01 17.29 18.79
N VAL A 284 7.79 17.28 19.31
CA VAL A 284 7.55 17.17 20.75
C VAL A 284 6.30 16.33 20.98
N PRO A 285 6.17 15.67 22.13
CA PRO A 285 4.93 14.96 22.44
C PRO A 285 3.75 15.93 22.52
N CYS A 286 2.64 15.57 21.87
CA CYS A 286 1.44 16.37 21.89
C CYS A 286 0.22 15.46 21.82
N ILE A 287 -0.95 16.05 22.09
CA ILE A 287 -2.23 15.34 22.08
C ILE A 287 -3.06 15.90 20.94
N ILE A 288 -3.48 15.01 20.04
CA ILE A 288 -4.26 15.41 18.87
C ILE A 288 -5.70 14.93 19.09
N GLY A 289 -6.63 15.88 19.06
CA GLY A 289 -8.04 15.58 19.16
C GLY A 289 -8.88 16.44 18.24
N GLY A 290 -10.19 16.49 18.47
CA GLY A 290 -11.09 17.20 17.57
C GLY A 290 -10.77 18.68 17.40
N LYS A 291 -10.06 19.27 18.35
CA LYS A 291 -9.65 20.67 18.26
C LYS A 291 -8.19 20.82 17.83
N GLY A 292 -7.66 19.83 17.10
CA GLY A 292 -6.31 19.90 16.58
C GLY A 292 -5.26 19.54 17.62
N ILE A 293 -4.19 20.32 17.69
CA ILE A 293 -3.16 20.14 18.72
C ILE A 293 -3.77 20.67 20.02
N GLU A 294 -4.24 19.78 20.87
CA GLU A 294 -4.94 20.19 22.08
C GLU A 294 -3.99 20.41 23.25
N GLN A 295 -2.92 19.63 23.34
CA GLN A 295 -1.95 19.78 24.42
C GLN A 295 -0.54 19.58 23.86
N ILE A 296 0.40 20.39 24.35
CA ILE A 296 1.82 20.16 24.14
C ILE A 296 2.42 19.77 25.48
N ILE A 297 3.02 18.59 25.53
CA ILE A 297 3.60 18.04 26.75
C ILE A 297 5.05 18.48 26.84
N GLU A 298 5.44 19.04 27.99
CA GLU A 298 6.81 19.50 28.21
C GLU A 298 7.51 18.51 29.13
N LEU A 299 8.38 17.70 28.57
CA LEU A 299 9.10 16.68 29.33
C LEU A 299 10.07 17.32 30.32
N ASP A 300 10.26 16.65 31.46
CA ASP A 300 11.23 17.07 32.47
C ASP A 300 12.60 16.49 32.12
N LEU A 301 13.16 17.02 31.03
CA LEU A 301 14.44 16.56 30.55
C LEU A 301 15.56 16.91 31.52
N ASN A 302 16.55 16.01 31.62
CA ASN A 302 17.70 16.25 32.48
C ASN A 302 18.76 17.03 31.72
N GLN A 303 19.93 17.21 32.33
CA GLN A 303 20.94 18.09 31.76
C GLN A 303 21.51 17.53 30.46
N GLU A 304 21.91 16.25 30.47
CA GLU A 304 22.43 15.64 29.25
C GLU A 304 21.41 15.72 28.11
N GLU A 305 20.13 15.53 28.44
CA GLU A 305 19.10 15.48 27.40
C GLU A 305 18.85 16.86 26.79
N LYS A 306 18.81 17.91 27.62
CA LYS A 306 18.66 19.25 27.07
C LYS A 306 19.84 19.62 26.20
N LYS A 307 21.04 19.22 26.59
CA LYS A 307 22.23 19.47 25.76
C LYS A 307 22.08 18.80 24.40
N LEU A 308 21.67 17.53 24.38
CA LEU A 308 21.44 16.84 23.12
C LEU A 308 20.34 17.53 22.31
N LEU A 309 19.23 17.89 22.97
CA LEU A 309 18.15 18.55 22.25
C LEU A 309 18.61 19.87 21.63
N GLN A 310 19.62 20.50 22.22
CA GLN A 310 20.10 21.77 21.68
C GLN A 310 20.64 21.63 20.27
N GLY A 311 21.15 20.44 19.91
CA GLY A 311 21.58 20.20 18.55
C GLY A 311 20.46 20.40 17.54
N SER A 312 19.25 19.94 17.88
CA SER A 312 18.11 20.14 17.00
C SER A 312 17.69 21.60 16.96
N ILE A 313 17.67 22.27 18.11
CA ILE A 313 17.26 23.66 18.17
C ILE A 313 18.22 24.53 17.38
N ASP A 314 19.52 24.27 17.51
CA ASP A 314 20.51 25.01 16.72
C ASP A 314 20.33 24.74 15.24
N GLU A 315 19.96 23.51 14.87
CA GLU A 315 19.74 23.20 13.46
C GLU A 315 18.57 24.00 12.91
N VAL A 316 17.47 24.11 13.66
CA VAL A 316 16.34 24.93 13.23
C VAL A 316 16.80 26.37 12.99
N LEU A 317 17.52 26.93 13.95
CA LEU A 317 17.89 28.35 13.87
C LEU A 317 18.91 28.58 12.76
N GLU A 318 19.87 27.67 12.60
CA GLU A 318 20.84 27.80 11.53
C GLU A 318 20.17 27.71 10.17
N MET A 319 19.16 26.86 10.03
CA MET A 319 18.47 26.71 8.75
C MET A 319 17.68 27.96 8.40
N GLN A 320 17.03 28.57 9.39
CA GLN A 320 16.31 29.82 9.14
C GLN A 320 17.26 30.89 8.62
N LYS A 321 18.46 30.99 9.20
CA LYS A 321 19.42 31.99 8.75
C LYS A 321 19.86 31.72 7.32
N ALA A 322 20.13 30.46 6.99
CA ALA A 322 20.59 30.13 5.65
C ALA A 322 19.52 30.43 4.60
N ILE A 323 18.27 30.11 4.91
CA ILE A 323 17.18 30.41 3.97
C ILE A 323 17.09 31.90 3.71
N ALA A 324 17.13 32.70 4.78
CA ALA A 324 17.06 34.15 4.61
C ALA A 324 18.22 34.66 3.78
N ALA A 325 19.41 34.08 3.95
CA ALA A 325 20.56 34.48 3.16
C ALA A 325 20.34 34.21 1.68
N LEU A 326 19.85 33.01 1.35
CA LEU A 326 19.59 32.68 -0.05
C LEU A 326 18.57 33.63 -0.66
N ASP A 327 17.48 33.91 0.06
CA ASP A 327 16.45 34.81 -0.47
C ASP A 327 16.99 36.20 -0.67
N ALA A 328 17.68 36.75 0.33
CA ALA A 328 18.18 38.12 0.24
C ALA A 328 19.30 38.26 -0.78
N GLY A 329 19.94 37.16 -1.17
CA GLY A 329 20.94 37.20 -2.22
C GLY A 329 20.39 37.17 -3.63
N LYS A 330 19.09 36.96 -3.79
CA LYS A 330 18.49 36.95 -5.12
C LYS A 330 18.51 38.36 -5.71
N LEU A 331 18.99 38.47 -6.95
CA LEU A 331 19.11 39.76 -7.60
C LEU A 331 17.80 40.54 -7.60
N GLU A 332 16.68 39.88 -7.36
CA GLU A 332 15.41 40.56 -7.21
C GLU A 332 15.12 40.84 -5.74
N ALA B 2 16.01 -20.91 5.37
CA ALA B 2 14.79 -20.77 6.17
C ALA B 2 14.80 -19.45 6.92
N VAL B 3 13.91 -18.54 6.53
CA VAL B 3 13.81 -17.24 7.17
C VAL B 3 12.74 -17.21 8.24
N PHE B 4 11.63 -17.93 8.02
CA PHE B 4 10.54 -17.96 8.99
C PHE B 4 11.01 -18.53 10.30
N GLU B 5 11.16 -17.68 11.33
CA GLU B 5 11.32 -18.18 12.67
C GLU B 5 10.04 -18.92 13.07
N GLN B 6 10.20 -20.06 13.74
CA GLN B 6 9.06 -20.92 13.98
C GLN B 6 8.12 -20.30 15.01
N ASN B 7 6.83 -20.27 14.69
CA ASN B 7 5.81 -19.80 15.63
C ASN B 7 4.44 -20.23 15.12
N LYS B 8 3.41 -19.86 15.88
CA LYS B 8 2.04 -20.27 15.56
C LYS B 8 1.52 -19.63 14.28
N ARG B 9 2.00 -18.45 13.93
CA ARG B 9 1.38 -17.65 12.88
C ARG B 9 1.49 -18.35 11.53
N PRO B 10 0.56 -18.07 10.61
CA PRO B 10 0.75 -18.50 9.22
C PRO B 10 2.01 -17.87 8.64
N LYS B 11 2.60 -18.54 7.67
CA LYS B 11 3.78 -18.05 6.97
C LYS B 11 3.41 -17.81 5.52
N ILE B 12 3.44 -16.55 5.09
CA ILE B 12 3.02 -16.12 3.77
C ILE B 12 4.25 -15.73 2.98
N ALA B 13 4.49 -16.43 1.86
CA ALA B 13 5.66 -16.19 1.02
C ALA B 13 5.23 -15.43 -0.24
N LEU B 14 5.79 -14.24 -0.43
CA LEU B 14 5.49 -13.40 -1.59
C LEU B 14 6.67 -13.50 -2.55
N VAL B 15 6.49 -14.25 -3.64
CA VAL B 15 7.52 -14.45 -4.65
C VAL B 15 7.37 -13.32 -5.66
N GLY B 16 8.18 -12.28 -5.50
CA GLY B 16 8.03 -11.02 -6.22
C GLY B 16 7.75 -9.91 -5.24
N SER B 17 8.64 -8.92 -5.16
CA SER B 17 8.55 -7.87 -4.17
C SER B 17 8.41 -6.50 -4.82
N GLY B 18 7.79 -6.44 -6.00
CA GLY B 18 7.54 -5.19 -6.66
C GLY B 18 6.30 -4.50 -6.15
N MET B 19 5.54 -3.89 -7.06
CA MET B 19 4.42 -3.04 -6.65
C MET B 19 3.33 -3.85 -5.96
N ILE B 20 2.94 -4.98 -6.54
CA ILE B 20 1.86 -5.78 -5.96
C ILE B 20 2.36 -6.55 -4.74
N GLY B 21 3.57 -7.11 -4.81
CA GLY B 21 4.12 -7.81 -3.66
C GLY B 21 4.20 -6.93 -2.43
N GLY B 22 4.68 -5.69 -2.60
CA GLY B 22 4.75 -4.78 -1.47
C GLY B 22 3.39 -4.44 -0.91
N THR B 23 2.42 -4.19 -1.79
CA THR B 23 1.05 -3.95 -1.36
C THR B 23 0.53 -5.09 -0.51
N MET B 24 0.79 -6.34 -0.92
CA MET B 24 0.28 -7.49 -0.18
C MET B 24 0.97 -7.64 1.16
N ALA B 25 2.27 -7.35 1.22
CA ALA B 25 2.98 -7.39 2.49
C ALA B 25 2.44 -6.35 3.46
N PHE B 26 2.15 -5.15 2.95
CA PHE B 26 1.51 -4.11 3.73
C PHE B 26 0.19 -4.60 4.32
N LEU B 27 -0.62 -5.31 3.51
CA LEU B 27 -1.90 -5.81 3.99
C LEU B 27 -1.72 -6.83 5.10
N CYS B 28 -0.70 -7.70 4.99
CA CYS B 28 -0.45 -8.68 6.03
C CYS B 28 -0.11 -8.00 7.36
N SER B 29 0.74 -6.97 7.31
CA SER B 29 1.06 -6.20 8.50
C SER B 29 -0.20 -5.60 9.11
N LEU B 30 -1.02 -4.93 8.29
CA LEU B 30 -2.20 -4.24 8.81
C LEU B 30 -3.24 -5.22 9.34
N LYS B 31 -3.42 -6.37 8.67
CA LYS B 31 -4.43 -7.33 9.05
C LYS B 31 -3.97 -8.35 10.08
N GLU B 32 -2.68 -8.34 10.44
CA GLU B 32 -2.10 -9.38 11.30
C GLU B 32 -2.42 -10.76 10.75
N LEU B 33 -2.30 -10.91 9.44
CA LEU B 33 -2.69 -12.16 8.81
C LEU B 33 -1.65 -13.25 9.04
N GLY B 34 -0.37 -12.86 9.12
CA GLY B 34 0.69 -13.82 9.35
C GLY B 34 2.02 -13.16 9.06
N ASP B 35 3.09 -13.86 9.41
CA ASP B 35 4.42 -13.40 9.04
C ASP B 35 4.64 -13.56 7.55
N VAL B 36 5.52 -12.72 7.00
CA VAL B 36 5.68 -12.56 5.56
C VAL B 36 7.16 -12.61 5.21
N VAL B 37 7.49 -13.27 4.09
CA VAL B 37 8.78 -13.09 3.44
C VAL B 37 8.56 -12.47 2.08
N LEU B 38 9.22 -11.33 1.85
CA LEU B 38 9.28 -10.70 0.54
C LEU B 38 10.51 -11.24 -0.19
N PHE B 39 10.30 -12.09 -1.18
CA PHE B 39 11.40 -12.66 -1.95
C PHE B 39 11.50 -11.98 -3.30
N ASP B 40 12.73 -11.71 -3.73
CA ASP B 40 12.96 -11.07 -5.02
C ASP B 40 14.36 -11.42 -5.49
N VAL B 41 14.60 -11.18 -6.78
CA VAL B 41 15.92 -11.38 -7.36
C VAL B 41 16.76 -10.10 -7.36
N VAL B 42 16.14 -8.94 -7.15
CA VAL B 42 16.87 -7.69 -7.01
C VAL B 42 17.59 -7.70 -5.66
N PRO B 43 18.90 -7.51 -5.61
CA PRO B 43 19.61 -7.61 -4.32
C PRO B 43 19.16 -6.54 -3.35
N ASN B 44 18.86 -6.96 -2.12
CA ASN B 44 18.62 -6.07 -0.98
C ASN B 44 17.30 -5.29 -1.02
N MET B 45 16.73 -5.07 -2.21
CA MET B 45 15.49 -4.30 -2.29
C MET B 45 14.39 -4.87 -1.39
N PRO B 46 14.09 -6.17 -1.39
CA PRO B 46 13.07 -6.67 -0.47
C PRO B 46 13.42 -6.50 0.99
N MET B 47 14.72 -6.44 1.33
CA MET B 47 15.10 -6.17 2.72
C MET B 47 14.76 -4.73 3.11
N GLY B 48 14.88 -3.79 2.17
CA GLY B 48 14.48 -2.43 2.48
C GLY B 48 12.99 -2.30 2.73
N LYS B 49 12.18 -2.92 1.88
CA LYS B 49 10.73 -2.89 2.09
C LYS B 49 10.34 -3.62 3.36
N ALA B 50 10.98 -4.75 3.64
CA ALA B 50 10.68 -5.50 4.86
C ALA B 50 10.98 -4.68 6.10
N MET B 51 12.08 -3.93 6.08
CA MET B 51 12.43 -3.10 7.23
C MET B 51 11.38 -2.03 7.46
N ASP B 52 10.98 -1.35 6.38
CA ASP B 52 9.89 -0.38 6.45
C ASP B 52 8.62 -1.01 7.00
N LEU B 53 8.31 -2.23 6.60
CA LEU B 53 7.06 -2.86 7.01
C LEU B 53 7.13 -3.40 8.44
N CYS B 54 8.32 -3.78 8.92
CA CYS B 54 8.45 -4.09 10.34
C CYS B 54 8.20 -2.85 11.18
N HIS B 55 8.69 -1.69 10.73
CA HIS B 55 8.35 -0.43 11.38
C HIS B 55 6.85 -0.18 11.34
N ASN B 56 6.23 -0.45 10.19
CA ASN B 56 4.78 -0.22 10.06
C ASN B 56 4.01 -1.02 11.10
N SER B 57 4.35 -2.30 11.27
CA SER B 57 3.70 -3.12 12.28
C SER B 57 3.72 -2.43 13.64
N SER B 58 4.89 -1.87 14.00
CA SER B 58 5.01 -1.14 15.26
C SER B 58 4.11 0.10 15.28
N VAL B 59 4.02 0.80 14.14
CA VAL B 59 3.11 1.95 14.05
C VAL B 59 1.71 1.54 14.47
N VAL B 60 1.25 0.36 14.06
CA VAL B 60 -0.10 -0.11 14.36
C VAL B 60 -0.11 -1.12 15.51
N ASP B 61 0.96 -1.18 16.31
CA ASP B 61 0.95 -1.85 17.61
C ASP B 61 0.88 -3.37 17.52
N ASN B 62 1.40 -4.00 16.46
CA ASN B 62 1.51 -5.45 16.43
C ASN B 62 2.94 -5.85 16.07
N GLY B 63 3.23 -7.13 16.22
CA GLY B 63 4.56 -7.65 16.01
C GLY B 63 4.68 -8.56 14.81
N ILE B 64 3.84 -8.34 13.79
CA ILE B 64 4.02 -9.05 12.52
C ILE B 64 5.42 -8.77 12.01
N THR B 65 6.10 -9.83 11.57
CA THR B 65 7.45 -9.70 11.02
C THR B 65 7.42 -9.91 9.51
N VAL B 66 7.99 -8.95 8.79
CA VAL B 66 8.22 -9.09 7.35
C VAL B 66 9.72 -9.24 7.14
N TYR B 67 10.11 -10.30 6.43
CA TYR B 67 11.49 -10.58 6.09
C TYR B 67 11.72 -10.29 4.60
N GLY B 68 12.93 -9.86 4.27
CA GLY B 68 13.38 -9.76 2.89
C GLY B 68 14.41 -10.83 2.59
N SER B 69 14.34 -11.41 1.38
CA SER B 69 15.25 -12.49 1.02
C SER B 69 15.52 -12.47 -0.49
N ASN B 70 16.74 -12.87 -0.85
CA ASN B 70 17.12 -13.12 -2.23
C ASN B 70 17.37 -14.60 -2.50
N SER B 71 16.93 -15.47 -1.59
CA SER B 71 17.20 -16.90 -1.69
C SER B 71 15.90 -17.68 -1.68
N TYR B 72 15.75 -18.60 -2.64
CA TYR B 72 14.55 -19.43 -2.71
C TYR B 72 14.32 -20.25 -1.44
N GLU B 73 15.36 -20.54 -0.67
CA GLU B 73 15.16 -21.35 0.53
C GLU B 73 14.31 -20.64 1.57
N CYS B 74 14.05 -19.34 1.39
CA CYS B 74 13.12 -18.64 2.28
C CYS B 74 11.70 -19.15 2.16
N LEU B 75 11.39 -19.93 1.12
CA LEU B 75 10.07 -20.53 0.98
C LEU B 75 9.85 -21.68 1.95
N THR B 76 10.89 -22.13 2.65
CA THR B 76 10.74 -23.26 3.55
C THR B 76 9.65 -22.97 4.57
N ASN B 77 8.67 -23.88 4.65
CA ASN B 77 7.59 -23.85 5.61
C ASN B 77 6.52 -22.81 5.28
N ALA B 78 6.45 -22.33 4.04
CA ALA B 78 5.39 -21.42 3.67
C ALA B 78 4.05 -22.14 3.63
N ASP B 79 3.03 -21.50 4.19
CA ASP B 79 1.67 -22.01 4.08
C ASP B 79 0.97 -21.52 2.82
N VAL B 80 1.30 -20.31 2.36
CA VAL B 80 0.74 -19.75 1.14
C VAL B 80 1.87 -19.09 0.36
N VAL B 81 1.82 -19.22 -0.97
CA VAL B 81 2.76 -18.55 -1.86
C VAL B 81 1.94 -17.74 -2.86
N ILE B 82 2.24 -16.45 -2.96
CA ILE B 82 1.59 -15.57 -3.93
C ILE B 82 2.67 -15.05 -4.87
N ILE B 83 2.50 -15.30 -6.17
CA ILE B 83 3.54 -15.09 -7.18
C ILE B 83 3.22 -13.84 -7.98
N THR B 84 4.13 -12.88 -7.96
CA THR B 84 4.12 -11.75 -8.88
C THR B 84 5.42 -11.63 -9.66
N ALA B 85 6.27 -12.65 -9.60
CA ALA B 85 7.58 -12.61 -10.25
C ALA B 85 7.45 -12.44 -11.76
N GLY B 86 8.38 -11.70 -12.34
CA GLY B 86 8.43 -11.54 -13.78
C GLY B 86 9.19 -10.30 -14.18
N ILE B 87 9.62 -10.29 -15.44
CA ILE B 87 10.07 -9.06 -16.09
C ILE B 87 8.84 -8.36 -16.64
N THR B 88 8.65 -7.09 -16.28
CA THR B 88 7.44 -6.38 -16.62
C THR B 88 7.66 -5.22 -17.59
N LYS B 89 8.88 -4.97 -18.03
CA LYS B 89 9.11 -4.00 -19.09
C LYS B 89 10.27 -4.46 -19.96
N ILE B 90 10.14 -4.21 -21.26
CA ILE B 90 11.17 -4.55 -22.23
C ILE B 90 12.15 -3.38 -22.28
N PRO B 91 13.46 -3.61 -22.08
CA PRO B 91 14.42 -2.50 -22.17
C PRO B 91 14.29 -1.75 -23.48
N GLY B 92 14.40 -0.42 -23.39
CA GLY B 92 14.28 0.43 -24.56
C GLY B 92 12.85 0.67 -25.01
N LYS B 93 11.88 0.03 -24.37
CA LYS B 93 10.47 0.17 -24.72
C LYS B 93 10.17 -0.43 -26.08
N TRP B 98 0.55 -1.56 -25.05
CA TRP B 98 0.46 -2.41 -23.87
C TRP B 98 -0.22 -3.73 -24.17
N SER B 99 0.32 -4.81 -23.62
CA SER B 99 -0.30 -6.12 -23.72
C SER B 99 0.19 -6.98 -22.56
N ARG B 100 -0.67 -7.88 -22.11
CA ARG B 100 -0.32 -8.78 -21.02
C ARG B 100 0.49 -9.96 -21.54
N MET B 101 1.11 -9.81 -22.73
CA MET B 101 1.71 -10.95 -23.40
C MET B 101 3.03 -10.64 -24.11
N ASP B 102 3.50 -9.39 -24.13
CA ASP B 102 4.74 -9.10 -24.84
C ASP B 102 5.96 -9.76 -24.20
N LEU B 103 5.83 -10.25 -22.96
CA LEU B 103 6.97 -10.84 -22.24
C LEU B 103 6.74 -12.31 -21.88
N LEU B 104 5.80 -12.96 -22.55
CA LEU B 104 5.52 -14.37 -22.28
C LEU B 104 6.76 -15.26 -22.39
N PRO B 105 7.57 -15.17 -23.45
CA PRO B 105 8.72 -16.08 -23.55
C PRO B 105 9.68 -15.98 -22.37
N VAL B 106 9.79 -14.79 -21.79
CA VAL B 106 10.69 -14.59 -20.66
C VAL B 106 10.06 -15.09 -19.37
N ASN B 107 8.81 -14.71 -19.13
CA ASN B 107 8.19 -14.99 -17.84
C ASN B 107 7.76 -16.44 -17.71
N ILE B 108 7.55 -17.16 -18.82
CA ILE B 108 7.28 -18.59 -18.72
C ILE B 108 8.46 -19.31 -18.06
N LYS B 109 9.69 -18.87 -18.37
CA LYS B 109 10.86 -19.51 -17.78
C LYS B 109 10.99 -19.16 -16.30
N ILE B 110 10.64 -17.93 -15.93
CA ILE B 110 10.65 -17.54 -14.52
C ILE B 110 9.63 -18.37 -13.75
N MET B 111 8.44 -18.55 -14.31
CA MET B 111 7.41 -19.35 -13.65
C MET B 111 7.90 -20.77 -13.38
N ARG B 112 8.78 -21.31 -14.23
CA ARG B 112 9.23 -22.68 -14.06
C ARG B 112 10.34 -22.78 -13.02
N GLU B 113 11.18 -21.74 -12.88
CA GLU B 113 12.10 -21.69 -11.75
C GLU B 113 11.32 -21.60 -10.44
N VAL B 114 10.29 -20.74 -10.40
CA VAL B 114 9.48 -20.59 -9.18
C VAL B 114 8.81 -21.92 -8.84
N GLY B 115 8.17 -22.55 -9.83
CA GLY B 115 7.54 -23.84 -9.59
C GLY B 115 8.51 -24.85 -9.00
N GLY B 116 9.73 -24.93 -9.56
CA GLY B 116 10.71 -25.84 -9.02
C GLY B 116 11.12 -25.52 -7.61
N ALA B 117 11.17 -24.22 -7.27
CA ALA B 117 11.45 -23.83 -5.89
C ALA B 117 10.35 -24.29 -4.95
N ILE B 118 9.08 -24.12 -5.37
CA ILE B 118 7.96 -24.61 -4.58
C ILE B 118 8.07 -26.10 -4.36
N LYS B 119 8.29 -26.86 -5.44
CA LYS B 119 8.43 -28.30 -5.33
C LYS B 119 9.47 -28.68 -4.27
N LYS B 120 10.55 -27.89 -4.19
CA LYS B 120 11.67 -28.26 -3.33
C LYS B 120 11.44 -27.83 -1.89
N TYR B 121 10.90 -26.64 -1.66
CA TYR B 121 10.88 -26.04 -0.33
C TYR B 121 9.51 -25.98 0.32
N CYS B 122 8.42 -25.96 -0.44
CA CYS B 122 7.10 -25.89 0.19
C CYS B 122 6.05 -26.56 -0.70
N PRO B 123 6.17 -27.87 -0.94
CA PRO B 123 5.23 -28.54 -1.85
C PRO B 123 3.80 -28.61 -1.34
N ASN B 124 3.55 -28.35 -0.05
CA ASN B 124 2.21 -28.47 0.53
C ASN B 124 1.52 -27.12 0.65
N ALA B 125 2.11 -26.05 0.13
CA ALA B 125 1.52 -24.72 0.23
C ALA B 125 0.36 -24.55 -0.76
N PHE B 126 -0.53 -23.63 -0.43
CA PHE B 126 -1.55 -23.14 -1.36
C PHE B 126 -0.93 -22.01 -2.18
N ILE B 127 -1.08 -22.09 -3.51
CA ILE B 127 -0.35 -21.22 -4.43
C ILE B 127 -1.35 -20.36 -5.20
N ILE B 128 -1.12 -19.05 -5.18
CA ILE B 128 -1.90 -18.08 -5.95
C ILE B 128 -0.95 -17.38 -6.91
N ASN B 129 -1.20 -17.48 -8.21
CA ASN B 129 -0.41 -16.76 -9.19
C ASN B 129 -1.12 -15.49 -9.64
N ILE B 130 -0.34 -14.45 -9.92
CA ILE B 130 -0.86 -13.19 -10.42
C ILE B 130 -0.18 -12.86 -11.76
N THR B 131 1.05 -13.32 -11.95
CA THR B 131 1.83 -12.93 -13.12
C THR B 131 1.10 -13.22 -14.43
N ASN B 132 1.09 -12.23 -15.32
CA ASN B 132 0.42 -12.35 -16.63
C ASN B 132 1.32 -12.97 -17.71
N PRO B 133 0.72 -13.56 -18.76
CA PRO B 133 -0.72 -13.82 -18.95
C PRO B 133 -1.21 -14.88 -17.97
N LEU B 134 -2.19 -14.47 -17.17
CA LEU B 134 -2.50 -15.17 -15.92
C LEU B 134 -2.79 -16.64 -16.16
N ASP B 135 -3.63 -16.94 -17.15
CA ASP B 135 -4.21 -18.28 -17.24
C ASP B 135 -3.21 -19.32 -17.73
N VAL B 136 -2.21 -18.93 -18.52
CA VAL B 136 -1.17 -19.87 -18.90
C VAL B 136 0.05 -19.84 -17.98
N MET B 137 0.30 -18.72 -17.30
CA MET B 137 1.39 -18.70 -16.32
C MET B 137 1.08 -19.59 -15.13
N VAL B 138 -0.18 -19.64 -14.69
CA VAL B 138 -0.53 -20.51 -13.56
C VAL B 138 -0.27 -21.96 -13.91
N ALA B 139 -0.56 -22.35 -15.16
CA ALA B 139 -0.29 -23.71 -15.59
C ALA B 139 1.21 -24.01 -15.58
N ALA B 140 2.02 -23.06 -16.06
CA ALA B 140 3.47 -23.26 -16.06
C ALA B 140 4.00 -23.52 -14.66
N VAL B 141 3.52 -22.76 -13.67
CA VAL B 141 3.92 -23.00 -12.28
C VAL B 141 3.50 -24.40 -11.84
N GLN B 142 2.23 -24.75 -12.09
CA GLN B 142 1.73 -26.05 -11.63
C GLN B 142 2.59 -27.19 -12.16
N GLU B 143 2.87 -27.18 -13.45
CA GLU B 143 3.62 -28.29 -14.05
C GLU B 143 5.00 -28.40 -13.45
N ALA B 144 5.68 -27.27 -13.23
CA ALA B 144 7.02 -27.30 -12.66
C ALA B 144 7.01 -27.67 -11.18
N ALA B 145 5.95 -27.30 -10.45
CA ALA B 145 5.88 -27.58 -9.03
C ALA B 145 5.25 -28.93 -8.73
N ASN B 146 4.34 -29.40 -9.58
CA ASN B 146 3.70 -30.70 -9.40
C ASN B 146 2.84 -30.71 -8.14
N VAL B 147 2.19 -29.59 -7.83
CA VAL B 147 1.27 -29.52 -6.69
C VAL B 147 -0.10 -30.01 -7.14
N PRO B 148 -0.96 -30.46 -6.22
CA PRO B 148 -2.31 -30.88 -6.62
C PRO B 148 -3.06 -29.74 -7.29
N LYS B 149 -3.93 -30.12 -8.24
CA LYS B 149 -4.67 -29.13 -9.01
C LYS B 149 -5.54 -28.25 -8.11
N HIS B 150 -6.03 -28.78 -6.99
CA HIS B 150 -6.88 -28.02 -6.09
C HIS B 150 -6.09 -27.15 -5.13
N MET B 151 -4.76 -27.10 -5.23
CA MET B 151 -3.93 -26.28 -4.36
C MET B 151 -3.24 -25.14 -5.12
N ILE B 152 -3.73 -24.79 -6.32
CA ILE B 152 -3.16 -23.68 -7.07
C ILE B 152 -4.27 -23.05 -7.90
N CYS B 153 -4.23 -21.72 -8.01
CA CYS B 153 -5.16 -20.96 -8.82
C CYS B 153 -4.51 -19.65 -9.21
N GLY B 154 -5.20 -18.92 -10.07
CA GLY B 154 -4.76 -17.59 -10.48
C GLY B 154 -5.75 -16.54 -10.02
N MET B 155 -5.22 -15.40 -9.56
CA MET B 155 -6.05 -14.25 -9.21
C MET B 155 -6.29 -13.44 -10.47
N ALA B 156 -7.56 -13.29 -10.83
CA ALA B 156 -7.94 -12.29 -11.83
C ALA B 156 -9.41 -11.92 -11.71
N GLY B 157 -10.28 -12.93 -11.60
CA GLY B 157 -11.71 -12.68 -11.60
C GLY B 157 -12.16 -11.77 -10.48
N MET B 158 -11.56 -11.91 -9.30
CA MET B 158 -11.91 -11.04 -8.18
C MET B 158 -11.67 -9.58 -8.53
N LEU B 159 -10.54 -9.29 -9.18
CA LEU B 159 -10.24 -7.92 -9.59
C LEU B 159 -11.19 -7.46 -10.69
N ASP B 160 -11.33 -8.25 -11.75
CA ASP B 160 -12.24 -7.89 -12.84
C ASP B 160 -13.66 -7.72 -12.32
N SER B 161 -14.11 -8.64 -11.46
CA SER B 161 -15.45 -8.56 -10.89
C SER B 161 -15.60 -7.31 -10.03
N SER B 162 -14.55 -6.93 -9.29
CA SER B 162 -14.65 -5.75 -8.42
C SER B 162 -14.85 -4.49 -9.23
N ARG B 163 -14.31 -4.45 -10.46
CA ARG B 163 -14.46 -3.28 -11.31
C ARG B 163 -15.88 -3.20 -11.88
N LEU B 164 -16.40 -4.33 -12.36
CA LEU B 164 -17.81 -4.40 -12.73
C LEU B 164 -18.70 -3.93 -11.58
N ARG B 165 -18.45 -4.46 -10.38
CA ARG B 165 -19.32 -4.16 -9.24
C ARG B 165 -19.25 -2.69 -8.85
N ARG B 166 -18.06 -2.09 -8.91
CA ARG B 166 -17.92 -0.68 -8.54
C ARG B 166 -18.76 0.20 -9.45
N MET B 167 -18.81 -0.11 -10.74
CA MET B 167 -19.51 0.76 -11.68
C MET B 167 -21.02 0.65 -11.53
N ILE B 168 -21.54 -0.56 -11.35
CA ILE B 168 -22.95 -0.74 -11.05
C ILE B 168 -23.31 -0.01 -9.76
N ALA B 169 -22.47 -0.17 -8.73
CA ALA B 169 -22.73 0.48 -7.45
C ALA B 169 -22.80 2.00 -7.58
N ASP B 170 -21.85 2.59 -8.32
CA ASP B 170 -21.87 4.04 -8.49
C ASP B 170 -23.09 4.49 -9.29
N CYS B 171 -23.52 3.68 -10.26
CA CYS B 171 -24.67 4.05 -11.07
C CYS B 171 -25.95 4.04 -10.24
N LEU B 172 -26.15 3.00 -9.44
CA LEU B 172 -27.39 2.83 -8.68
C LEU B 172 -27.38 3.52 -7.32
N HIS B 173 -26.24 4.01 -6.86
CA HIS B 173 -26.11 4.58 -5.52
C HIS B 173 -26.47 3.54 -4.45
N VAL B 174 -25.84 2.38 -4.55
CA VAL B 174 -25.92 1.33 -3.56
C VAL B 174 -24.51 0.88 -3.23
N SER B 175 -24.32 0.34 -2.03
CA SER B 175 -23.01 -0.10 -1.60
C SER B 175 -22.52 -1.25 -2.47
N PRO B 176 -21.22 -1.29 -2.81
CA PRO B 176 -20.69 -2.46 -3.51
C PRO B 176 -20.89 -3.75 -2.73
N HIS B 177 -21.00 -3.65 -1.41
CA HIS B 177 -21.30 -4.83 -0.59
C HIS B 177 -22.51 -5.59 -1.13
N ASP B 178 -23.47 -4.87 -1.71
CA ASP B 178 -24.74 -5.47 -2.14
C ASP B 178 -24.85 -5.58 -3.66
N VAL B 179 -23.75 -5.41 -4.39
CA VAL B 179 -23.70 -5.64 -5.83
C VAL B 179 -22.96 -6.96 -6.04
N GLN B 180 -23.67 -7.98 -6.51
CA GLN B 180 -23.04 -9.23 -6.91
C GLN B 180 -22.77 -9.19 -8.41
N GLY B 181 -21.54 -9.50 -8.79
CA GLY B 181 -21.12 -9.39 -10.18
C GLY B 181 -19.94 -10.28 -10.48
N MET B 182 -19.89 -10.86 -11.69
CA MET B 182 -18.84 -11.79 -12.06
C MET B 182 -18.32 -11.48 -13.45
N VAL B 183 -16.99 -11.55 -13.59
CA VAL B 183 -16.31 -11.54 -14.89
C VAL B 183 -15.56 -12.86 -14.99
N ILE B 184 -15.96 -13.72 -15.93
CA ILE B 184 -15.34 -15.03 -16.08
C ILE B 184 -14.49 -15.07 -17.35
N GLY B 185 -13.79 -16.17 -17.54
CA GLY B 185 -13.05 -16.39 -18.77
C GLY B 185 -11.57 -16.11 -18.64
N VAL B 186 -11.00 -15.50 -19.66
CA VAL B 186 -9.57 -15.17 -19.68
C VAL B 186 -9.41 -13.79 -19.07
N HIS B 187 -8.34 -13.60 -18.30
CA HIS B 187 -7.96 -12.26 -17.88
C HIS B 187 -7.30 -11.59 -19.08
N GLY B 188 -8.15 -11.13 -19.99
CA GLY B 188 -7.66 -10.54 -21.22
C GLY B 188 -8.79 -9.87 -21.96
N ASP B 189 -8.53 -9.60 -23.25
CA ASP B 189 -9.50 -8.84 -24.04
C ASP B 189 -10.83 -9.58 -24.19
N ASN B 190 -10.81 -10.92 -24.12
CA ASN B 190 -12.02 -11.72 -24.25
C ASN B 190 -12.68 -12.01 -22.90
N MET B 191 -12.31 -11.29 -21.84
CA MET B 191 -12.96 -11.50 -20.56
C MET B 191 -14.46 -11.22 -20.69
N LEU B 192 -15.26 -11.97 -19.92
CA LEU B 192 -16.71 -11.99 -20.09
C LEU B 192 -17.41 -11.48 -18.83
N PRO B 193 -17.72 -10.19 -18.77
CA PRO B 193 -18.62 -9.71 -17.71
C PRO B 193 -20.02 -10.29 -17.91
N LEU B 194 -20.50 -11.00 -16.90
CA LEU B 194 -21.79 -11.71 -16.98
C LEU B 194 -22.90 -10.77 -16.55
N MET B 195 -23.30 -9.91 -17.48
CA MET B 195 -24.30 -8.88 -17.17
C MET B 195 -25.62 -9.50 -16.75
N ARG B 196 -25.93 -10.71 -17.22
CA ARG B 196 -27.20 -11.34 -16.87
C ARG B 196 -27.24 -11.77 -15.41
N TYR B 197 -26.08 -12.02 -14.81
CA TYR B 197 -25.99 -12.54 -13.45
C TYR B 197 -25.78 -11.45 -12.40
N ILE B 198 -25.77 -10.17 -12.79
CA ILE B 198 -25.62 -9.11 -11.81
C ILE B 198 -26.88 -9.06 -10.95
N THR B 199 -26.68 -9.05 -9.63
CA THR B 199 -27.81 -8.90 -8.73
C THR B 199 -27.51 -7.82 -7.69
N ILE B 200 -28.58 -7.20 -7.21
CA ILE B 200 -28.54 -6.28 -6.09
C ILE B 200 -29.17 -7.01 -4.92
N ASN B 201 -28.35 -7.49 -4.00
CA ASN B 201 -28.78 -8.38 -2.92
C ASN B 201 -29.66 -9.51 -3.44
N GLY B 202 -29.23 -10.13 -4.54
CA GLY B 202 -29.97 -11.23 -5.13
C GLY B 202 -31.08 -10.82 -6.06
N ILE B 203 -31.43 -9.54 -6.13
CA ILE B 203 -32.45 -9.04 -7.04
C ILE B 203 -31.84 -8.90 -8.43
N PRO B 204 -32.38 -9.57 -9.46
CA PRO B 204 -31.79 -9.44 -10.80
C PRO B 204 -31.71 -7.98 -11.24
N ILE B 205 -30.58 -7.63 -11.86
CA ILE B 205 -30.40 -6.26 -12.35
C ILE B 205 -31.50 -5.90 -13.34
N GLN B 206 -32.05 -6.89 -14.04
CA GLN B 206 -33.15 -6.61 -14.96
C GLN B 206 -34.29 -5.87 -14.28
N GLU B 207 -34.60 -6.22 -13.03
CA GLU B 207 -35.66 -5.53 -12.32
C GLU B 207 -35.36 -4.05 -12.20
N PHE B 208 -34.09 -3.69 -12.00
CA PHE B 208 -33.71 -2.29 -11.93
C PHE B 208 -33.77 -1.64 -13.31
N ILE B 209 -33.45 -2.40 -14.36
CA ILE B 209 -33.61 -1.88 -15.72
C ILE B 209 -35.08 -1.54 -15.97
N ASN B 210 -35.98 -2.48 -15.66
CA ASN B 210 -37.40 -2.27 -15.92
C ASN B 210 -37.94 -1.09 -15.12
N LYS B 211 -37.37 -0.80 -13.94
CA LYS B 211 -37.82 0.32 -13.13
C LYS B 211 -37.23 1.65 -13.56
N GLY B 212 -36.32 1.66 -14.54
CA GLY B 212 -35.68 2.89 -14.97
C GLY B 212 -34.60 3.40 -14.04
N LEU B 213 -34.10 2.56 -13.12
CA LEU B 213 -33.01 2.97 -12.25
C LEU B 213 -31.67 2.84 -12.95
N ILE B 214 -31.58 1.97 -13.95
CA ILE B 214 -30.43 1.87 -14.84
C ILE B 214 -30.97 1.51 -16.21
N ASN B 215 -30.32 2.00 -17.26
CA ASN B 215 -30.79 1.74 -18.62
C ASN B 215 -29.79 0.90 -19.39
N LYS B 216 -30.25 0.40 -20.54
CA LYS B 216 -29.47 -0.52 -21.36
C LYS B 216 -28.20 0.12 -21.88
N GLU B 217 -28.17 1.45 -22.02
CA GLU B 217 -26.95 2.13 -22.44
C GLU B 217 -25.89 2.08 -21.34
N ASP B 218 -26.29 2.41 -20.11
CA ASP B 218 -25.40 2.25 -18.96
C ASP B 218 -24.85 0.83 -18.90
N ILE B 219 -25.75 -0.16 -19.02
CA ILE B 219 -25.32 -1.56 -18.96
C ILE B 219 -24.25 -1.83 -20.01
N ASN B 220 -24.46 -1.36 -21.24
CA ASN B 220 -23.51 -1.65 -22.30
C ASN B 220 -22.18 -0.93 -22.06
N ASN B 221 -22.24 0.30 -21.58
CA ASN B 221 -21.01 1.05 -21.32
C ASN B 221 -20.19 0.38 -20.23
N ILE B 222 -20.86 -0.12 -19.18
CA ILE B 222 -20.16 -0.76 -18.08
C ILE B 222 -19.52 -2.07 -18.54
N TYR B 223 -20.23 -2.82 -19.38
CA TYR B 223 -19.65 -4.03 -19.97
C TYR B 223 -18.33 -3.71 -20.68
N ASN B 224 -18.32 -2.64 -21.47
CA ASN B 224 -17.11 -2.26 -22.19
C ASN B 224 -16.06 -1.72 -21.22
N LYS B 225 -16.46 -0.83 -20.31
CA LYS B 225 -15.49 -0.23 -19.40
C LYS B 225 -14.84 -1.28 -18.51
N THR B 226 -15.55 -2.35 -18.17
CA THR B 226 -14.94 -3.43 -17.39
C THR B 226 -13.78 -4.06 -18.13
N LYS B 227 -13.97 -4.38 -19.40
CA LYS B 227 -12.90 -4.99 -20.20
C LYS B 227 -11.73 -4.03 -20.37
N GLN B 228 -12.00 -2.72 -20.35
CA GLN B 228 -10.99 -1.71 -20.61
C GLN B 228 -10.28 -1.21 -19.36
N ALA B 229 -10.77 -1.56 -18.16
CA ALA B 229 -10.29 -0.91 -16.95
C ALA B 229 -8.78 -1.05 -16.79
N GLY B 230 -8.25 -2.25 -17.01
CA GLY B 230 -6.82 -2.46 -16.83
C GLY B 230 -5.98 -1.57 -17.71
N GLY B 231 -6.31 -1.53 -19.00
CA GLY B 231 -5.60 -0.65 -19.92
C GLY B 231 -5.82 0.82 -19.59
N ASP B 232 -7.02 1.17 -19.14
CA ASP B 232 -7.29 2.55 -18.73
C ASP B 232 -6.34 2.97 -17.62
N ILE B 233 -6.08 2.08 -16.66
CA ILE B 233 -5.19 2.41 -15.55
C ILE B 233 -3.76 2.53 -16.05
N VAL B 234 -3.33 1.60 -16.90
CA VAL B 234 -2.00 1.66 -17.49
C VAL B 234 -1.77 3.02 -18.14
N ARG B 235 -2.76 3.48 -18.90
CA ARG B 235 -2.60 4.73 -19.65
C ARG B 235 -2.44 5.92 -18.70
N LEU B 236 -3.23 5.95 -17.62
CA LEU B 236 -3.20 7.08 -16.71
C LEU B 236 -1.96 7.09 -15.85
N LEU B 237 -1.53 5.91 -15.37
CA LEU B 237 -0.33 5.83 -14.55
C LEU B 237 0.91 6.28 -15.31
N GLY B 238 0.96 6.02 -16.61
CA GLY B 238 2.16 6.32 -17.38
C GLY B 238 3.19 5.21 -17.34
N GLN B 239 3.46 4.68 -16.14
CA GLN B 239 4.35 3.54 -15.97
C GLN B 239 3.68 2.50 -15.09
N GLY B 240 3.83 1.23 -15.47
CA GLY B 240 3.30 0.14 -14.70
C GLY B 240 1.79 -0.02 -14.86
N SER B 241 1.23 -0.87 -14.01
CA SER B 241 -0.19 -1.20 -14.05
C SER B 241 -0.73 -1.21 -12.63
N ALA B 242 -2.02 -1.52 -12.50
CA ALA B 242 -2.69 -1.44 -11.21
C ALA B 242 -1.98 -2.33 -10.18
N TYR B 243 -2.01 -1.92 -8.92
CA TYR B 243 -1.46 -2.76 -7.86
C TYR B 243 -2.23 -2.76 -6.56
N TYR B 244 -3.08 -1.78 -6.25
CA TYR B 244 -3.82 -1.82 -4.98
C TYR B 244 -4.91 -2.87 -5.02
N ALA B 245 -5.89 -2.72 -5.93
CA ALA B 245 -6.96 -3.70 -6.02
C ALA B 245 -6.44 -5.10 -6.35
N PRO B 246 -5.44 -5.28 -7.22
CA PRO B 246 -4.91 -6.64 -7.43
C PRO B 246 -4.33 -7.27 -6.17
N GLY B 247 -3.58 -6.50 -5.37
CA GLY B 247 -2.97 -7.07 -4.17
C GLY B 247 -4.01 -7.46 -3.13
N THR B 248 -5.03 -6.62 -2.94
CA THR B 248 -6.07 -6.92 -1.97
C THR B 248 -6.88 -8.13 -2.40
N SER B 249 -7.18 -8.24 -3.70
CA SER B 249 -7.91 -9.41 -4.20
C SER B 249 -7.17 -10.70 -3.88
N ALA B 250 -5.86 -10.74 -4.18
CA ALA B 250 -5.07 -11.94 -3.90
C ALA B 250 -5.05 -12.24 -2.41
N ILE B 251 -4.93 -11.21 -1.58
CA ILE B 251 -4.81 -11.44 -0.14
C ILE B 251 -6.11 -11.98 0.44
N LEU B 252 -7.25 -11.51 -0.06
CA LEU B 252 -8.53 -12.05 0.41
C LEU B 252 -8.66 -13.52 0.08
N MET B 253 -8.16 -13.93 -1.10
CA MET B 253 -8.17 -15.35 -1.46
C MET B 253 -7.30 -16.14 -0.49
N ALA B 254 -6.10 -15.63 -0.21
CA ALA B 254 -5.20 -16.30 0.74
C ALA B 254 -5.83 -16.38 2.13
N GLU B 255 -6.53 -15.32 2.53
CA GLU B 255 -7.18 -15.32 3.85
C GLU B 255 -8.27 -16.38 3.91
N SER B 256 -9.00 -16.55 2.81
CA SER B 256 -10.05 -17.57 2.77
C SER B 256 -9.46 -18.96 2.95
N TYR B 257 -8.29 -19.23 2.37
CA TYR B 257 -7.62 -20.50 2.58
C TYR B 257 -7.14 -20.63 4.02
N LEU B 258 -6.50 -19.59 4.55
CA LEU B 258 -5.86 -19.69 5.86
C LEU B 258 -6.88 -19.82 6.99
N LYS B 259 -8.05 -19.22 6.84
CA LYS B 259 -9.07 -19.21 7.90
C LYS B 259 -10.27 -20.07 7.54
N ASP B 260 -10.21 -20.84 6.45
CA ASP B 260 -11.29 -21.73 6.03
C ASP B 260 -12.61 -20.98 5.94
N LYS B 261 -12.60 -19.85 5.23
CA LYS B 261 -13.80 -19.02 5.12
C LYS B 261 -14.80 -19.59 4.12
N LYS B 262 -14.33 -20.33 3.12
CA LYS B 262 -15.20 -20.86 2.06
C LYS B 262 -15.92 -19.73 1.32
N ARG B 263 -15.22 -18.62 1.12
CA ARG B 263 -15.77 -17.55 0.29
C ARG B 263 -15.65 -17.92 -1.19
N LEU B 264 -16.49 -17.28 -2.00
CA LEU B 264 -16.55 -17.54 -3.43
C LEU B 264 -15.73 -16.48 -4.17
N PHE B 265 -14.82 -16.93 -5.01
CA PHE B 265 -13.98 -16.06 -5.84
C PHE B 265 -13.98 -16.58 -7.27
N VAL B 266 -14.22 -15.71 -8.24
CA VAL B 266 -13.90 -16.06 -9.62
C VAL B 266 -12.38 -16.09 -9.72
N SER B 267 -11.82 -17.27 -9.96
CA SER B 267 -10.38 -17.47 -9.99
C SER B 267 -10.04 -18.39 -11.16
N SER B 268 -8.80 -18.29 -11.64
CA SER B 268 -8.33 -19.17 -12.69
C SER B 268 -8.06 -20.56 -12.10
N CYS B 269 -8.88 -21.53 -12.47
CA CYS B 269 -8.82 -22.87 -11.91
C CYS B 269 -8.58 -23.90 -13.01
N TYR B 270 -7.90 -24.99 -12.64
CA TYR B 270 -7.70 -26.10 -13.56
C TYR B 270 -9.04 -26.81 -13.79
N LEU B 271 -9.46 -26.89 -15.05
CA LEU B 271 -10.72 -27.51 -15.43
C LEU B 271 -10.45 -28.67 -16.38
N ASN B 272 -11.19 -29.77 -16.19
CA ASN B 272 -11.17 -30.89 -17.14
C ASN B 272 -12.61 -31.36 -17.28
N GLY B 273 -13.33 -30.76 -18.22
CA GLY B 273 -14.74 -31.05 -18.43
C GLY B 273 -15.61 -29.83 -18.27
N GLN B 274 -15.51 -29.19 -17.11
CA GLN B 274 -16.35 -28.04 -16.80
C GLN B 274 -16.16 -26.94 -17.84
N TYR B 275 -17.26 -26.28 -18.20
CA TYR B 275 -17.23 -25.12 -19.09
C TYR B 275 -16.65 -25.46 -20.47
N ASN B 276 -16.70 -26.73 -20.86
CA ASN B 276 -16.16 -27.18 -22.13
C ASN B 276 -14.65 -26.97 -22.21
N VAL B 277 -13.99 -26.92 -21.05
CA VAL B 277 -12.54 -26.71 -20.97
C VAL B 277 -11.88 -28.07 -20.75
N ASN B 278 -10.78 -28.31 -21.45
CA ASN B 278 -10.10 -29.59 -21.44
C ASN B 278 -8.65 -29.40 -21.00
N ASN B 279 -8.39 -29.70 -19.73
CA ASN B 279 -7.02 -29.76 -19.20
C ASN B 279 -6.29 -28.42 -19.30
N HIS B 280 -6.96 -27.34 -18.92
CA HIS B 280 -6.27 -26.07 -18.74
C HIS B 280 -7.10 -25.18 -17.83
N TYR B 281 -6.63 -23.95 -17.64
CA TYR B 281 -7.17 -23.05 -16.63
C TYR B 281 -8.09 -22.00 -17.26
N LEU B 282 -9.06 -21.55 -16.46
CA LEU B 282 -10.01 -20.54 -16.90
C LEU B 282 -10.63 -19.89 -15.67
N GLY B 283 -10.95 -18.61 -15.80
CA GLY B 283 -11.59 -17.88 -14.71
C GLY B 283 -13.02 -18.31 -14.48
N VAL B 284 -13.27 -19.02 -13.38
CA VAL B 284 -14.61 -19.51 -13.06
C VAL B 284 -14.87 -19.32 -11.57
N PRO B 285 -16.14 -19.27 -11.18
CA PRO B 285 -16.46 -19.20 -9.75
C PRO B 285 -16.06 -20.47 -9.02
N CYS B 286 -15.34 -20.32 -7.92
CA CYS B 286 -14.90 -21.43 -7.10
C CYS B 286 -14.97 -21.04 -5.63
N ILE B 287 -14.91 -22.05 -4.76
CA ILE B 287 -14.96 -21.88 -3.31
C ILE B 287 -13.59 -22.21 -2.74
N ILE B 288 -13.01 -21.27 -1.99
CA ILE B 288 -11.69 -21.44 -1.40
C ILE B 288 -11.85 -21.59 0.11
N GLY B 289 -11.38 -22.72 0.63
CA GLY B 289 -11.37 -22.98 2.05
C GLY B 289 -10.08 -23.64 2.49
N GLY B 290 -10.07 -24.22 3.69
CA GLY B 290 -8.85 -24.82 4.22
C GLY B 290 -8.34 -26.00 3.44
N LYS B 291 -9.15 -26.59 2.57
CA LYS B 291 -8.73 -27.67 1.69
C LYS B 291 -8.43 -27.17 0.27
N GLY B 292 -8.17 -25.87 0.10
CA GLY B 292 -7.84 -25.34 -1.20
C GLY B 292 -9.05 -24.97 -2.02
N ILE B 293 -9.02 -25.26 -3.31
CA ILE B 293 -10.18 -25.07 -4.19
C ILE B 293 -11.16 -26.19 -3.85
N GLU B 294 -12.16 -25.88 -3.03
CA GLU B 294 -13.04 -26.91 -2.51
C GLU B 294 -14.22 -27.22 -3.43
N GLN B 295 -14.65 -26.25 -4.22
CA GLN B 295 -15.73 -26.46 -5.17
C GLN B 295 -15.52 -25.57 -6.38
N ILE B 296 -15.78 -26.13 -7.55
CA ILE B 296 -15.89 -25.36 -8.79
C ILE B 296 -17.35 -25.33 -9.17
N ILE B 297 -17.89 -24.13 -9.32
CA ILE B 297 -19.31 -23.95 -9.61
C ILE B 297 -19.48 -23.80 -11.12
N GLU B 298 -20.45 -24.50 -11.67
CA GLU B 298 -20.68 -24.55 -13.11
C GLU B 298 -21.97 -23.80 -13.42
N LEU B 299 -21.83 -22.59 -13.95
CA LEU B 299 -22.97 -21.74 -14.25
C LEU B 299 -23.81 -22.33 -15.39
N ASP B 300 -25.11 -22.07 -15.35
CA ASP B 300 -26.02 -22.51 -16.40
C ASP B 300 -26.09 -21.44 -17.48
N LEU B 301 -24.96 -21.27 -18.17
CA LEU B 301 -24.84 -20.27 -19.21
C LEU B 301 -25.78 -20.59 -20.39
N ASN B 302 -26.32 -19.53 -20.98
CA ASN B 302 -27.14 -19.67 -22.17
C ASN B 302 -26.24 -19.74 -23.41
N GLN B 303 -26.87 -19.86 -24.59
CA GLN B 303 -26.10 -20.10 -25.80
C GLN B 303 -25.21 -18.92 -26.15
N GLU B 304 -25.75 -17.69 -26.09
CA GLU B 304 -24.94 -16.52 -26.37
C GLU B 304 -23.72 -16.46 -25.46
N GLU B 305 -23.92 -16.73 -24.17
CA GLU B 305 -22.82 -16.65 -23.22
C GLU B 305 -21.77 -17.73 -23.48
N LYS B 306 -22.22 -18.94 -23.82
CA LYS B 306 -21.30 -19.99 -24.23
C LYS B 306 -20.46 -19.56 -25.43
N LYS B 307 -21.10 -18.87 -26.39
CA LYS B 307 -20.37 -18.38 -27.56
C LYS B 307 -19.29 -17.39 -27.13
N LEU B 308 -19.66 -16.41 -26.32
CA LEU B 308 -18.68 -15.42 -25.85
C LEU B 308 -17.56 -16.10 -25.07
N LEU B 309 -17.91 -17.03 -24.18
CA LEU B 309 -16.89 -17.70 -23.39
C LEU B 309 -15.90 -18.47 -24.26
N GLN B 310 -16.36 -18.98 -25.40
CA GLN B 310 -15.44 -19.70 -26.28
C GLN B 310 -14.34 -18.79 -26.79
N GLY B 311 -14.63 -17.50 -26.93
CA GLY B 311 -13.58 -16.53 -27.22
C GLY B 311 -12.48 -16.55 -26.18
N SER B 312 -12.85 -16.59 -24.89
CA SER B 312 -11.85 -16.70 -23.83
C SER B 312 -11.08 -18.01 -23.95
N ILE B 313 -11.80 -19.13 -24.13
CA ILE B 313 -11.14 -20.43 -24.19
C ILE B 313 -10.18 -20.47 -25.38
N ASP B 314 -10.56 -19.86 -26.51
CA ASP B 314 -9.67 -19.85 -27.66
C ASP B 314 -8.43 -19.02 -27.39
N GLU B 315 -8.58 -17.89 -26.70
CA GLU B 315 -7.41 -17.07 -26.36
C GLU B 315 -6.41 -17.87 -25.53
N VAL B 316 -6.89 -18.67 -24.59
CA VAL B 316 -5.99 -19.50 -23.78
C VAL B 316 -5.32 -20.56 -24.65
N LEU B 317 -6.11 -21.23 -25.50
CA LEU B 317 -5.55 -22.27 -26.36
C LEU B 317 -4.52 -21.67 -27.33
N GLU B 318 -4.82 -20.51 -27.89
CA GLU B 318 -3.85 -19.84 -28.75
C GLU B 318 -2.53 -19.62 -28.02
N MET B 319 -2.59 -19.28 -26.72
CA MET B 319 -1.37 -19.07 -25.95
C MET B 319 -0.65 -20.38 -25.67
N GLN B 320 -1.40 -21.46 -25.42
CA GLN B 320 -0.77 -22.76 -25.21
C GLN B 320 0.08 -23.16 -26.41
N LYS B 321 -0.39 -22.85 -27.62
CA LYS B 321 0.34 -23.28 -28.81
C LYS B 321 1.60 -22.45 -29.01
N ALA B 322 1.51 -21.14 -28.76
CA ALA B 322 2.72 -20.32 -28.74
C ALA B 322 3.76 -20.89 -27.79
N ILE B 323 3.33 -21.34 -26.61
CA ILE B 323 4.26 -21.90 -25.63
C ILE B 323 4.83 -23.21 -26.13
N ALA B 324 4.00 -24.03 -26.77
CA ALA B 324 4.48 -25.28 -27.36
C ALA B 324 5.57 -25.01 -28.39
N ALA B 325 5.31 -24.03 -29.28
CA ALA B 325 6.30 -23.68 -30.30
C ALA B 325 7.60 -23.20 -29.66
N LEU B 326 7.51 -22.27 -28.71
CA LEU B 326 8.70 -21.79 -28.01
C LEU B 326 9.49 -22.96 -27.44
N ASP B 327 8.83 -23.79 -26.63
CA ASP B 327 9.54 -24.91 -26.00
C ASP B 327 10.11 -25.87 -27.05
N ALA B 328 9.46 -26.00 -28.20
CA ALA B 328 9.91 -26.92 -29.23
C ALA B 328 11.08 -26.37 -30.04
N GLY B 329 11.50 -25.13 -29.78
CA GLY B 329 12.59 -24.53 -30.52
C GLY B 329 12.22 -24.02 -31.90
N LYS B 330 10.93 -23.98 -32.24
CA LYS B 330 10.52 -23.64 -33.60
C LYS B 330 10.67 -22.15 -33.91
N LEU B 331 10.79 -21.29 -32.89
CA LEU B 331 10.77 -19.85 -33.10
C LEU B 331 12.15 -19.22 -33.03
N GLU B 332 13.22 -20.03 -33.00
CA GLU B 332 14.57 -19.51 -33.00
C GLU B 332 15.47 -20.41 -33.84
N HIS B 333 16.64 -19.88 -34.20
CA HIS B 333 17.60 -20.64 -34.97
C HIS B 333 18.99 -20.06 -34.72
N HIS B 334 20.00 -20.82 -35.11
CA HIS B 334 21.38 -20.40 -34.96
C HIS B 334 21.81 -19.51 -36.12
N HIS B 335 22.89 -18.76 -35.88
CA HIS B 335 23.56 -18.00 -36.92
C HIS B 335 23.72 -18.80 -38.21
N HIS B 336 24.15 -20.05 -38.09
CA HIS B 336 24.47 -20.88 -39.24
C HIS B 336 23.22 -21.25 -40.03
#